data_8QCK
#
_entry.id   8QCK
#
_cell.length_a   51.959
_cell.length_b   209.563
_cell.length_c   241.871
_cell.angle_alpha   90.000
_cell.angle_beta   90.000
_cell.angle_gamma   90.000
#
_symmetry.space_group_name_H-M   'C 2 2 21'
#
_entity_poly.entity_id   1
_entity_poly.type   'polypeptide(L)'
_entity_poly.pdbx_seq_one_letter_code
;MEHYDLAIIGTGSGNSIVDDRYAGKKVAICEQGTFGGTCLNVGCIPTKMFVYAAEVAHSVRTSARYGVDAHIDKVRWPDI
VERVFGRIDPIAAGGEDYRRSDPNITVYSSHTRFGPKTDDGRYTLRTESGEEFTSDQVVIAAGSRTYIPPAVVDCGVKYH
TSDDIMRIPELPTDLVIIGGGFVSAEFAHVFSALGVHVTIVVRGDGLLTHCDETICHRFNEIAATKWDIRTHENVIGSHQ
DGDRIVLELDDGKTVAADTLLVATGRVPNGDLLDAELAGVEVDEDGRVIVDQYQRTTARGVFALGDVSSDYQLKHVANHE
ARVVKENLLRDWDDTASLVASDHRFVPSAVFTDPQVATVGLTEAEARAAGHDIVVKVQNYGDTAYGWAMEDTTGIAKLIG
ERGTGKLLGAHILGHQASSIIQPLIQAMSLGQTAQEIARGQYWIHPALPEVIENALLGLQE
;
_entity_poly.pdbx_strand_id   A,B
#
# COMPACT_ATOMS: atom_id res chain seq x y z
N MET A 1 19.99 -6.09 -51.33
CA MET A 1 20.10 -6.65 -49.99
C MET A 1 19.75 -5.61 -48.95
N GLU A 2 19.12 -6.04 -47.86
CA GLU A 2 18.71 -5.12 -46.79
C GLU A 2 19.64 -5.35 -45.61
N HIS A 3 19.98 -4.25 -44.93
CA HIS A 3 20.90 -4.33 -43.79
C HIS A 3 20.64 -3.16 -42.86
N TYR A 4 20.44 -3.45 -41.58
CA TYR A 4 20.15 -2.41 -40.60
C TYR A 4 21.38 -2.14 -39.74
N ASP A 5 21.31 -1.03 -39.00
CA ASP A 5 22.37 -0.68 -38.05
C ASP A 5 22.18 -1.35 -36.71
N LEU A 6 20.94 -1.55 -36.28
CA LEU A 6 20.61 -2.15 -35.00
C LEU A 6 19.41 -3.06 -35.19
N ALA A 7 19.44 -4.25 -34.57
CA ALA A 7 18.32 -5.15 -34.64
C ALA A 7 17.90 -5.57 -33.23
N ILE A 8 16.63 -5.95 -33.13
CA ILE A 8 16.03 -6.39 -31.87
C ILE A 8 15.06 -7.52 -32.21
N ILE A 9 14.84 -8.41 -31.24
CA ILE A 9 13.87 -9.48 -31.44
C ILE A 9 12.67 -9.24 -30.54
N GLY A 10 12.75 -9.66 -29.29
CA GLY A 10 11.65 -9.48 -28.37
C GLY A 10 11.48 -8.03 -27.97
N THR A 11 10.24 -7.64 -27.70
CA THR A 11 9.95 -6.26 -27.31
C THR A 11 9.20 -6.22 -25.99
N GLY A 12 9.54 -7.11 -25.07
CA GLY A 12 9.06 -6.99 -23.71
C GLY A 12 9.54 -5.65 -23.17
N SER A 13 10.86 -5.53 -23.05
CA SER A 13 11.52 -4.24 -22.91
C SER A 13 12.26 -3.83 -24.16
N GLY A 14 12.21 -4.64 -25.22
CA GLY A 14 12.88 -4.32 -26.46
C GLY A 14 12.28 -3.16 -27.21
N ASN A 15 10.99 -2.86 -26.96
CA ASN A 15 10.37 -1.66 -27.51
C ASN A 15 10.81 -0.41 -26.76
N SER A 16 11.33 -0.56 -25.54
CA SER A 16 11.86 0.56 -24.79
C SER A 16 13.29 0.89 -25.20
N ILE A 17 13.94 0.00 -25.96
CA ILE A 17 15.31 0.24 -26.41
C ILE A 17 15.34 1.39 -27.41
N VAL A 18 14.46 1.34 -28.41
CA VAL A 18 14.35 2.43 -29.38
C VAL A 18 14.10 3.74 -28.65
N ASP A 19 14.98 4.71 -28.87
CA ASP A 19 14.93 6.01 -28.22
C ASP A 19 15.36 7.05 -29.24
N ASP A 20 15.86 8.18 -28.75
CA ASP A 20 16.55 9.14 -29.59
C ASP A 20 17.95 8.59 -29.85
N ARG A 21 18.98 9.40 -29.61
CA ARG A 21 20.37 8.96 -29.75
C ARG A 21 20.64 8.47 -31.17
N TYR A 22 20.14 7.29 -31.50
CA TYR A 22 20.28 6.74 -32.85
C TYR A 22 19.63 7.68 -33.86
N ALA A 23 18.30 7.80 -33.79
CA ALA A 23 17.50 8.76 -34.56
C ALA A 23 18.09 9.05 -35.94
N GLY A 24 18.10 8.05 -36.81
CA GLY A 24 18.68 8.22 -38.13
C GLY A 24 19.41 6.97 -38.60
N LYS A 25 19.07 5.83 -37.99
CA LYS A 25 19.64 4.55 -38.34
C LYS A 25 18.59 3.69 -39.03
N LYS A 26 19.00 2.48 -39.40
CA LYS A 26 18.08 1.43 -39.80
C LYS A 26 17.98 0.45 -38.64
N VAL A 27 16.75 0.19 -38.20
CA VAL A 27 16.50 -0.69 -37.07
C VAL A 27 15.43 -1.68 -37.46
N ALA A 28 15.61 -2.94 -37.06
CA ALA A 28 14.60 -3.96 -37.22
C ALA A 28 14.30 -4.56 -35.85
N ILE A 29 13.04 -4.86 -35.62
CA ILE A 29 12.62 -5.47 -34.36
C ILE A 29 11.71 -6.64 -34.70
N CYS A 30 12.21 -7.57 -35.52
CA CYS A 30 11.44 -8.73 -35.93
C CYS A 30 10.87 -9.44 -34.71
N GLU A 31 9.57 -9.28 -34.51
CA GLU A 31 8.85 -9.92 -33.43
C GLU A 31 8.10 -11.11 -34.00
N GLN A 32 8.07 -12.20 -33.26
CA GLN A 32 7.46 -13.42 -33.79
C GLN A 32 5.98 -13.53 -33.41
N GLY A 33 5.65 -13.28 -32.15
CA GLY A 33 4.26 -13.30 -31.74
C GLY A 33 3.91 -12.01 -31.03
N THR A 34 2.89 -11.30 -31.53
CA THR A 34 2.35 -10.03 -31.06
C THR A 34 3.38 -9.06 -30.47
N PHE A 35 3.36 -7.82 -30.94
CA PHE A 35 4.35 -6.84 -30.50
C PHE A 35 4.17 -6.51 -29.03
N GLY A 36 5.24 -6.67 -28.26
CA GLY A 36 5.19 -6.52 -26.82
C GLY A 36 5.96 -7.62 -26.13
N GLY A 37 6.41 -8.62 -26.91
CA GLY A 37 7.16 -9.69 -26.29
C GLY A 37 6.27 -10.51 -25.38
N THR A 38 6.89 -11.04 -24.33
CA THR A 38 6.15 -11.77 -23.31
C THR A 38 5.48 -10.83 -22.31
N CYS A 39 5.91 -9.58 -22.26
CA CYS A 39 5.47 -8.65 -21.21
C CYS A 39 3.97 -8.40 -21.23
N LEU A 40 3.45 -7.84 -22.32
CA LEU A 40 2.08 -7.33 -22.32
C LEU A 40 1.02 -8.35 -22.72
N ASN A 41 1.37 -9.36 -23.52
CA ASN A 41 0.37 -10.21 -24.14
C ASN A 41 0.25 -11.59 -23.50
N VAL A 42 1.24 -12.03 -22.75
CA VAL A 42 1.27 -13.40 -22.27
C VAL A 42 1.80 -13.47 -20.84
N GLY A 43 2.79 -12.64 -20.51
CA GLY A 43 3.46 -12.79 -19.23
C GLY A 43 3.00 -11.88 -18.10
N CYS A 44 3.80 -10.87 -17.78
CA CYS A 44 3.54 -10.07 -16.57
C CYS A 44 2.27 -9.24 -16.71
N ILE A 45 2.24 -8.32 -17.68
CA ILE A 45 1.11 -7.39 -17.82
C ILE A 45 -0.25 -8.08 -17.90
N PRO A 46 -0.48 -9.09 -18.76
CA PRO A 46 -1.82 -9.70 -18.80
C PRO A 46 -2.23 -10.35 -17.50
N THR A 47 -1.29 -10.86 -16.71
CA THR A 47 -1.65 -11.35 -15.38
C THR A 47 -2.03 -10.18 -14.49
N LYS A 48 -2.38 -10.48 -13.24
CA LYS A 48 -2.79 -9.50 -12.24
C LYS A 48 -4.01 -8.70 -12.67
N MET A 49 -4.50 -8.93 -13.90
CA MET A 49 -5.67 -8.21 -14.39
C MET A 49 -6.96 -8.86 -13.91
N PHE A 50 -7.10 -10.18 -14.13
CA PHE A 50 -8.21 -10.93 -13.55
C PHE A 50 -8.23 -10.83 -12.03
N VAL A 51 -7.12 -10.40 -11.42
CA VAL A 51 -6.97 -10.45 -9.97
C VAL A 51 -8.00 -9.57 -9.27
N TYR A 52 -8.37 -8.43 -9.86
CA TYR A 52 -9.35 -7.58 -9.17
C TYR A 52 -10.76 -8.16 -9.25
N ALA A 53 -11.12 -8.74 -10.40
CA ALA A 53 -12.37 -9.50 -10.47
C ALA A 53 -12.39 -10.57 -9.40
N ALA A 54 -11.28 -11.32 -9.27
CA ALA A 54 -11.20 -12.36 -8.25
C ALA A 54 -11.28 -11.76 -6.84
N GLU A 55 -10.72 -10.57 -6.64
CA GLU A 55 -10.69 -9.98 -5.30
C GLU A 55 -12.09 -9.50 -4.89
N VAL A 56 -12.86 -8.97 -5.84
CA VAL A 56 -14.25 -8.65 -5.55
C VAL A 56 -15.05 -9.92 -5.30
N ALA A 57 -14.85 -10.94 -6.15
CA ALA A 57 -15.55 -12.22 -5.99
C ALA A 57 -15.10 -12.97 -4.75
N HIS A 58 -14.01 -12.56 -4.11
CA HIS A 58 -13.57 -13.12 -2.85
C HIS A 58 -14.08 -12.31 -1.66
N SER A 59 -14.10 -10.98 -1.79
CA SER A 59 -14.66 -10.15 -0.74
C SER A 59 -16.15 -10.41 -0.54
N VAL A 60 -16.88 -10.73 -1.62
CA VAL A 60 -18.28 -11.13 -1.45
C VAL A 60 -18.35 -12.42 -0.64
N ARG A 61 -17.45 -13.37 -0.92
CA ARG A 61 -17.42 -14.62 -0.18
C ARG A 61 -17.14 -14.38 1.30
N THR A 62 -16.25 -13.45 1.60
CA THR A 62 -15.87 -13.13 2.97
C THR A 62 -16.71 -12.03 3.60
N SER A 63 -17.69 -11.49 2.88
CA SER A 63 -18.50 -10.39 3.41
C SER A 63 -19.09 -10.74 4.77
N ALA A 64 -19.46 -12.01 4.99
CA ALA A 64 -20.02 -12.42 6.27
C ALA A 64 -19.07 -12.12 7.42
N ARG A 65 -17.76 -12.09 7.13
CA ARG A 65 -16.77 -11.83 8.18
C ARG A 65 -16.89 -10.42 8.73
N TYR A 66 -17.44 -9.48 7.95
CA TYR A 66 -17.46 -8.07 8.34
C TYR A 66 -18.88 -7.57 8.59
N GLY A 67 -19.79 -8.46 8.99
CA GLY A 67 -21.17 -8.06 9.19
C GLY A 67 -21.86 -7.61 7.92
N VAL A 68 -21.53 -8.23 6.79
CA VAL A 68 -22.10 -7.88 5.50
C VAL A 68 -22.56 -9.16 4.82
N ASP A 69 -23.65 -9.08 4.07
CA ASP A 69 -24.16 -10.19 3.30
C ASP A 69 -24.18 -9.81 1.82
N ALA A 70 -23.76 -10.75 0.97
CA ALA A 70 -23.72 -10.48 -0.46
C ALA A 70 -23.81 -11.80 -1.22
N HIS A 71 -24.40 -11.73 -2.40
CA HIS A 71 -24.68 -12.90 -3.22
C HIS A 71 -23.89 -12.80 -4.53
N ILE A 72 -23.48 -13.95 -5.06
CA ILE A 72 -22.73 -13.95 -6.31
C ILE A 72 -23.63 -13.65 -7.51
N ASP A 73 -24.93 -13.98 -7.41
CA ASP A 73 -25.89 -13.75 -8.47
C ASP A 73 -25.45 -14.41 -9.77
N LYS A 74 -24.51 -13.78 -10.48
CA LYS A 74 -24.08 -14.24 -11.79
C LYS A 74 -22.64 -13.82 -12.01
N VAL A 75 -21.91 -14.64 -12.76
CA VAL A 75 -20.52 -14.37 -13.12
C VAL A 75 -20.45 -14.07 -14.61
N ARG A 76 -20.02 -12.85 -14.94
CA ARG A 76 -19.92 -12.42 -16.34
C ARG A 76 -18.54 -12.73 -16.91
N TRP A 77 -18.21 -14.02 -16.90
CA TRP A 77 -16.92 -14.49 -17.40
C TRP A 77 -16.58 -13.96 -18.79
N PRO A 78 -17.49 -13.98 -19.78
CA PRO A 78 -17.14 -13.34 -21.07
C PRO A 78 -16.80 -11.87 -20.93
N ASP A 79 -17.54 -11.14 -20.10
CA ASP A 79 -17.25 -9.72 -19.91
C ASP A 79 -15.93 -9.51 -19.19
N ILE A 80 -15.54 -10.44 -18.30
CA ILE A 80 -14.24 -10.32 -17.65
C ILE A 80 -13.12 -10.57 -18.65
N VAL A 81 -13.27 -11.60 -19.49
CA VAL A 81 -12.24 -11.90 -20.48
C VAL A 81 -12.10 -10.76 -21.48
N GLU A 82 -13.22 -10.19 -21.93
CA GLU A 82 -13.15 -9.09 -22.89
C GLU A 82 -12.66 -7.80 -22.23
N ARG A 83 -12.90 -7.63 -20.93
CA ARG A 83 -12.34 -6.48 -20.24
C ARG A 83 -10.85 -6.59 -20.05
N VAL A 84 -10.34 -7.82 -19.84
CA VAL A 84 -8.91 -8.00 -19.65
C VAL A 84 -8.17 -7.97 -20.99
N PHE A 85 -8.50 -8.89 -21.89
CA PHE A 85 -7.77 -9.04 -23.14
C PHE A 85 -8.39 -8.28 -24.31
N GLY A 86 -9.51 -7.58 -24.10
CA GLY A 86 -9.97 -6.62 -25.08
C GLY A 86 -9.31 -5.28 -24.96
N ARG A 87 -8.43 -5.16 -23.96
CA ARG A 87 -7.69 -3.94 -23.67
C ARG A 87 -6.27 -3.96 -24.22
N ILE A 88 -5.71 -5.16 -24.42
CA ILE A 88 -4.32 -5.36 -24.80
C ILE A 88 -4.18 -6.01 -26.18
N ASP A 89 -5.26 -6.08 -26.94
CA ASP A 89 -5.19 -6.57 -28.31
C ASP A 89 -5.01 -5.41 -29.29
N PRO A 90 -5.77 -4.31 -29.18
CA PRO A 90 -5.46 -3.16 -30.05
C PRO A 90 -4.18 -2.46 -29.64
N ILE A 91 -3.92 -2.37 -28.33
CA ILE A 91 -2.69 -1.73 -27.85
C ILE A 91 -1.48 -2.54 -28.28
N ALA A 92 -1.62 -3.86 -28.38
CA ALA A 92 -0.53 -4.70 -28.91
C ALA A 92 -0.23 -4.34 -30.36
N ALA A 93 -1.27 -4.09 -31.15
CA ALA A 93 -1.12 -3.67 -32.54
C ALA A 93 -0.84 -2.17 -32.63
N GLY A 94 -0.28 -1.60 -31.56
CA GLY A 94 0.07 -0.20 -31.53
C GLY A 94 1.57 0.00 -31.43
N GLY A 95 2.22 -0.73 -30.52
CA GLY A 95 3.67 -0.74 -30.48
C GLY A 95 4.33 -1.37 -31.69
N GLU A 96 3.55 -2.03 -32.56
CA GLU A 96 4.08 -2.61 -33.78
C GLU A 96 4.11 -1.59 -34.91
N ASP A 97 3.05 -0.78 -35.05
CA ASP A 97 3.07 0.35 -35.97
C ASP A 97 4.12 1.38 -35.58
N TYR A 98 4.50 1.41 -34.29
CA TYR A 98 5.61 2.26 -33.85
C TYR A 98 6.86 2.03 -34.69
N ARG A 99 7.09 0.77 -35.11
CA ARG A 99 8.33 0.39 -35.76
C ARG A 99 8.12 -0.25 -37.13
N ARG A 100 6.90 -0.23 -37.66
CA ARG A 100 6.60 -0.72 -39.00
C ARG A 100 6.13 0.39 -39.92
N SER A 101 5.09 1.13 -39.51
CA SER A 101 4.50 2.15 -40.36
C SER A 101 5.34 3.43 -40.38
N ASP A 102 6.16 3.66 -39.34
CA ASP A 102 6.96 4.85 -39.06
C ASP A 102 8.37 4.67 -39.59
N PRO A 103 9.01 5.77 -40.05
CA PRO A 103 10.07 5.67 -41.07
C PRO A 103 11.28 4.82 -40.74
N ASN A 104 12.27 5.40 -40.05
CA ASN A 104 13.61 4.83 -39.97
C ASN A 104 13.70 3.45 -39.30
N ILE A 105 12.62 2.68 -39.28
CA ILE A 105 12.63 1.33 -38.71
C ILE A 105 11.73 0.48 -39.59
N THR A 106 12.01 -0.83 -39.64
CA THR A 106 11.20 -1.77 -40.41
C THR A 106 11.22 -3.11 -39.72
N VAL A 107 10.04 -3.67 -39.47
CA VAL A 107 9.90 -4.93 -38.76
C VAL A 107 9.20 -5.94 -39.65
N TYR A 108 9.53 -7.22 -39.46
CA TYR A 108 9.00 -8.31 -40.26
C TYR A 108 8.27 -9.31 -39.37
N SER A 109 8.10 -10.53 -39.86
CA SER A 109 7.23 -11.50 -39.22
C SER A 109 8.07 -12.41 -38.32
N SER A 110 7.52 -13.57 -37.98
CA SER A 110 8.15 -14.44 -36.98
C SER A 110 9.53 -14.92 -37.42
N HIS A 111 10.20 -15.58 -36.48
CA HIS A 111 11.47 -16.27 -36.68
C HIS A 111 12.61 -15.30 -36.89
N THR A 112 13.68 -15.44 -36.10
CA THR A 112 14.88 -14.62 -36.25
C THR A 112 16.03 -15.43 -35.66
N ARG A 113 16.70 -16.21 -36.52
CA ARG A 113 17.83 -17.04 -36.11
C ARG A 113 19.09 -16.20 -35.93
N PHE A 114 20.25 -16.84 -36.13
CA PHE A 114 21.53 -16.17 -36.28
C PHE A 114 22.23 -16.78 -37.49
N GLY A 115 23.04 -15.98 -38.17
CA GLY A 115 23.80 -16.50 -39.28
C GLY A 115 25.28 -16.25 -39.14
N PRO A 116 26.07 -16.90 -40.00
CA PRO A 116 27.53 -16.73 -39.93
C PRO A 116 27.91 -15.28 -40.18
N LYS A 117 28.85 -14.80 -39.37
CA LYS A 117 29.33 -13.43 -39.53
C LYS A 117 29.89 -13.22 -40.92
N THR A 118 29.66 -12.03 -41.46
CA THR A 118 30.24 -11.68 -42.75
C THR A 118 31.75 -11.51 -42.60
N ASP A 119 32.43 -11.51 -43.75
CA ASP A 119 33.89 -11.35 -43.74
C ASP A 119 34.30 -10.03 -43.10
N ASP A 120 33.44 -9.01 -43.15
CA ASP A 120 33.71 -7.73 -42.52
C ASP A 120 33.20 -7.66 -41.08
N GLY A 121 32.80 -8.79 -40.50
CA GLY A 121 32.50 -8.86 -39.08
C GLY A 121 31.08 -8.55 -38.67
N ARG A 122 30.17 -8.34 -39.61
CA ARG A 122 28.80 -7.99 -39.27
C ARG A 122 27.96 -9.24 -38.96
N TYR A 123 26.91 -9.02 -38.17
CA TYR A 123 26.03 -10.08 -37.70
C TYR A 123 24.96 -10.43 -38.72
N THR A 124 24.84 -11.72 -39.04
CA THR A 124 23.79 -12.23 -39.92
C THR A 124 22.60 -12.73 -39.10
N LEU A 125 21.39 -12.41 -39.56
CA LEU A 125 20.14 -12.80 -38.92
C LEU A 125 19.26 -13.51 -39.93
N ARG A 126 18.66 -14.63 -39.54
CA ARG A 126 17.86 -15.45 -40.46
C ARG A 126 16.43 -15.61 -39.98
N THR A 127 15.48 -15.14 -40.79
CA THR A 127 14.07 -15.53 -40.66
C THR A 127 13.81 -16.73 -41.55
N GLU A 128 13.21 -17.79 -41.00
CA GLU A 128 12.63 -18.86 -41.81
C GLU A 128 11.44 -18.34 -42.61
N SER A 129 11.20 -17.04 -42.57
CA SER A 129 10.07 -16.40 -43.23
C SER A 129 10.45 -15.98 -44.64
N GLY A 130 11.14 -16.87 -45.34
CA GLY A 130 11.61 -16.61 -46.70
C GLY A 130 12.45 -15.35 -46.84
N GLU A 131 13.46 -15.20 -45.99
CA GLU A 131 14.30 -14.02 -46.01
C GLU A 131 15.52 -14.25 -45.14
N GLU A 132 16.63 -13.59 -45.50
CA GLU A 132 17.84 -13.56 -44.71
C GLU A 132 18.40 -12.15 -44.76
N PHE A 133 18.82 -11.62 -43.60
CA PHE A 133 19.36 -10.27 -43.56
C PHE A 133 20.38 -10.15 -42.43
N THR A 134 21.41 -9.35 -42.67
CA THR A 134 22.42 -9.12 -41.66
C THR A 134 22.22 -7.75 -41.02
N SER A 135 23.10 -7.41 -40.09
CA SER A 135 23.10 -6.10 -39.46
C SER A 135 24.46 -5.88 -38.82
N ASP A 136 24.57 -4.82 -38.01
CA ASP A 136 25.80 -4.50 -37.29
C ASP A 136 25.72 -4.84 -35.81
N GLN A 137 24.57 -4.57 -35.18
CA GLN A 137 24.34 -4.88 -33.78
C GLN A 137 22.91 -5.39 -33.63
N VAL A 138 22.72 -6.40 -32.79
CA VAL A 138 21.38 -6.95 -32.54
C VAL A 138 21.25 -7.31 -31.07
N VAL A 139 20.20 -6.81 -30.43
CA VAL A 139 19.92 -7.11 -29.04
C VAL A 139 18.76 -8.11 -28.99
N ILE A 140 18.82 -9.07 -28.07
CA ILE A 140 17.89 -10.18 -28.02
C ILE A 140 17.08 -10.13 -26.74
N ALA A 141 15.75 -9.96 -26.88
CA ALA A 141 14.82 -10.07 -25.76
C ALA A 141 14.02 -11.37 -25.80
N ALA A 142 13.37 -11.67 -26.93
CA ALA A 142 12.76 -12.98 -27.21
C ALA A 142 12.00 -13.59 -26.03
N GLY A 143 11.59 -12.76 -25.07
CA GLY A 143 10.86 -13.15 -23.88
C GLY A 143 11.21 -14.49 -23.23
N SER A 144 10.20 -15.21 -22.76
CA SER A 144 10.38 -16.56 -22.23
C SER A 144 9.16 -17.40 -22.58
N ARG A 145 9.31 -18.71 -22.46
CA ARG A 145 8.25 -19.66 -22.78
C ARG A 145 8.08 -20.66 -21.64
N THR A 146 6.84 -20.91 -21.25
CA THR A 146 6.54 -21.86 -20.18
C THR A 146 6.92 -23.28 -20.62
N TYR A 147 7.18 -24.13 -19.63
CA TYR A 147 7.68 -25.48 -19.88
C TYR A 147 6.73 -26.50 -19.28
N ILE A 148 6.38 -27.51 -20.08
CA ILE A 148 5.49 -28.59 -19.67
C ILE A 148 6.30 -29.89 -19.55
N PRO A 149 6.10 -30.66 -18.49
CA PRO A 149 6.85 -31.92 -18.34
C PRO A 149 6.47 -32.91 -19.42
N PRO A 150 7.27 -33.97 -19.62
CA PRO A 150 6.91 -34.98 -20.63
C PRO A 150 5.54 -35.63 -20.44
N ALA A 151 4.90 -35.46 -19.29
CA ALA A 151 3.60 -36.08 -19.06
C ALA A 151 2.55 -35.65 -20.08
N VAL A 152 2.77 -34.52 -20.74
CA VAL A 152 1.79 -34.04 -21.72
C VAL A 152 2.15 -34.50 -23.13
N VAL A 153 3.45 -34.72 -23.41
CA VAL A 153 3.88 -35.19 -24.72
C VAL A 153 3.68 -36.69 -24.91
N ASP A 154 3.12 -37.37 -23.91
CA ASP A 154 2.81 -38.80 -24.02
C ASP A 154 1.31 -39.05 -24.15
N CYS A 155 0.56 -38.07 -24.62
CA CYS A 155 -0.89 -38.16 -24.65
C CYS A 155 -1.49 -37.21 -25.67
N GLY A 156 -1.27 -35.92 -25.49
CA GLY A 156 -1.92 -34.92 -26.30
C GLY A 156 -3.18 -34.31 -25.72
N VAL A 157 -3.41 -34.46 -24.42
CA VAL A 157 -4.55 -33.81 -23.78
C VAL A 157 -4.34 -32.30 -23.81
N LYS A 158 -5.45 -31.56 -23.94
CA LYS A 158 -5.35 -30.12 -24.06
C LYS A 158 -4.85 -29.50 -22.77
N TYR A 159 -3.79 -28.70 -22.87
CA TYR A 159 -3.10 -28.14 -21.73
C TYR A 159 -3.08 -26.62 -21.84
N HIS A 160 -3.03 -25.95 -20.69
CA HIS A 160 -3.06 -24.50 -20.63
C HIS A 160 -2.03 -24.02 -19.62
N THR A 161 -1.32 -22.97 -19.97
CA THR A 161 -0.38 -22.31 -19.07
C THR A 161 -0.82 -20.86 -18.90
N SER A 162 0.08 -20.03 -18.36
CA SER A 162 -0.18 -18.60 -18.27
C SER A 162 -0.39 -17.98 -19.65
N ASP A 163 0.03 -18.67 -20.72
CA ASP A 163 -0.03 -18.10 -22.05
C ASP A 163 -1.47 -17.92 -22.53
N ASP A 164 -2.35 -18.86 -22.19
CA ASP A 164 -3.65 -18.94 -22.84
C ASP A 164 -4.82 -19.10 -21.89
N ILE A 165 -4.60 -19.62 -20.68
CA ILE A 165 -5.70 -19.96 -19.79
C ILE A 165 -6.49 -18.72 -19.36
N MET A 166 -5.93 -17.52 -19.50
CA MET A 166 -6.68 -16.31 -19.22
C MET A 166 -7.72 -16.02 -20.29
N ARG A 167 -7.61 -16.66 -21.45
CA ARG A 167 -8.54 -16.48 -22.56
C ARG A 167 -9.28 -17.78 -22.86
N ILE A 168 -9.48 -18.62 -21.85
CA ILE A 168 -10.23 -19.86 -22.03
C ILE A 168 -11.71 -19.51 -22.24
N PRO A 169 -12.40 -20.16 -23.19
CA PRO A 169 -13.76 -19.71 -23.52
C PRO A 169 -14.76 -19.80 -22.38
N GLU A 170 -14.68 -20.83 -21.54
CA GLU A 170 -15.66 -21.04 -20.49
C GLU A 170 -14.99 -21.14 -19.13
N LEU A 171 -15.78 -20.93 -18.08
CA LEU A 171 -15.32 -21.10 -16.71
C LEU A 171 -15.51 -22.56 -16.30
N PRO A 172 -14.45 -23.28 -15.95
CA PRO A 172 -14.61 -24.70 -15.61
C PRO A 172 -15.42 -24.88 -14.33
N THR A 173 -15.98 -26.08 -14.20
CA THR A 173 -16.64 -26.49 -12.97
C THR A 173 -15.68 -27.12 -11.97
N ASP A 174 -14.65 -27.80 -12.44
CA ASP A 174 -13.61 -28.37 -11.59
C ASP A 174 -12.30 -28.38 -12.39
N LEU A 175 -11.24 -27.85 -11.79
CA LEU A 175 -10.00 -27.55 -12.51
C LEU A 175 -8.82 -28.28 -11.88
N VAL A 176 -7.87 -28.68 -12.74
CA VAL A 176 -6.60 -29.25 -12.30
C VAL A 176 -5.50 -28.21 -12.45
N ILE A 177 -4.60 -28.17 -11.47
CA ILE A 177 -3.46 -27.26 -11.47
C ILE A 177 -2.23 -28.05 -11.03
N ILE A 178 -1.15 -27.94 -11.78
CA ILE A 178 0.11 -28.57 -11.42
C ILE A 178 1.19 -27.50 -11.43
N GLY A 179 2.20 -27.68 -10.58
CA GLY A 179 3.28 -26.73 -10.53
C GLY A 179 3.34 -25.98 -9.22
N GLY A 180 4.52 -25.90 -8.62
CA GLY A 180 4.66 -25.16 -7.38
C GLY A 180 5.68 -24.07 -7.53
N GLY A 181 5.22 -22.91 -7.98
CA GLY A 181 6.14 -21.82 -8.25
C GLY A 181 5.40 -20.54 -8.59
N PHE A 182 6.20 -19.58 -9.06
CA PHE A 182 5.74 -18.28 -9.53
C PHE A 182 4.51 -18.34 -10.42
N VAL A 183 4.63 -19.00 -11.57
CA VAL A 183 3.62 -18.93 -12.61
C VAL A 183 2.32 -19.65 -12.26
N SER A 184 2.34 -20.57 -11.28
CA SER A 184 1.19 -21.43 -11.06
C SER A 184 0.30 -20.99 -9.91
N ALA A 185 0.83 -20.23 -8.95
CA ALA A 185 0.08 -19.96 -7.73
C ALA A 185 -0.98 -18.88 -7.89
N GLU A 186 -0.87 -18.04 -8.94
CA GLU A 186 -1.85 -16.98 -9.13
C GLU A 186 -3.21 -17.54 -9.56
N PHE A 187 -3.20 -18.44 -10.55
CA PHE A 187 -4.46 -18.92 -11.11
C PHE A 187 -5.30 -19.68 -10.09
N ALA A 188 -4.67 -20.32 -9.11
CA ALA A 188 -5.42 -20.99 -8.05
C ALA A 188 -6.39 -20.03 -7.39
N HIS A 189 -5.87 -18.94 -6.82
CA HIS A 189 -6.73 -17.94 -6.20
C HIS A 189 -7.67 -17.30 -7.22
N VAL A 190 -7.13 -16.91 -8.37
CA VAL A 190 -7.92 -16.17 -9.37
C VAL A 190 -9.17 -16.96 -9.76
N PHE A 191 -9.03 -18.28 -9.95
CA PHE A 191 -10.15 -19.10 -10.37
C PHE A 191 -11.03 -19.49 -9.18
N SER A 192 -10.42 -19.92 -8.06
CA SER A 192 -11.21 -20.32 -6.90
C SER A 192 -12.11 -19.20 -6.40
N ALA A 193 -11.69 -17.93 -6.59
CA ALA A 193 -12.58 -16.83 -6.25
C ALA A 193 -13.80 -16.80 -7.15
N LEU A 194 -13.69 -17.34 -8.36
CA LEU A 194 -14.79 -17.37 -9.33
C LEU A 194 -15.51 -18.72 -9.35
N GLY A 195 -15.51 -19.43 -8.23
CA GLY A 195 -16.32 -20.63 -8.09
C GLY A 195 -15.87 -21.85 -8.86
N VAL A 196 -14.60 -22.25 -8.72
CA VAL A 196 -14.11 -23.50 -9.29
C VAL A 196 -13.12 -24.13 -8.31
N HIS A 197 -13.32 -25.41 -8.03
CA HIS A 197 -12.39 -26.18 -7.20
C HIS A 197 -11.17 -26.54 -8.04
N VAL A 198 -9.99 -26.14 -7.56
CA VAL A 198 -8.73 -26.45 -8.25
C VAL A 198 -7.99 -27.51 -7.46
N THR A 199 -7.30 -28.40 -8.17
CA THR A 199 -6.63 -29.56 -7.59
C THR A 199 -5.13 -29.43 -7.85
N ILE A 200 -4.38 -29.03 -6.84
CA ILE A 200 -2.95 -28.79 -6.98
C ILE A 200 -2.20 -30.11 -6.94
N VAL A 201 -1.35 -30.35 -7.94
CA VAL A 201 -0.47 -31.51 -7.99
C VAL A 201 0.94 -30.98 -8.24
N VAL A 202 1.76 -30.93 -7.18
CA VAL A 202 3.10 -30.37 -7.28
C VAL A 202 4.08 -31.49 -7.60
N ARG A 203 5.38 -31.18 -7.63
CA ARG A 203 6.41 -32.16 -7.88
C ARG A 203 7.36 -32.35 -6.71
N GLY A 204 7.17 -31.62 -5.61
CA GLY A 204 8.07 -31.71 -4.48
C GLY A 204 7.37 -32.22 -3.24
N ASP A 205 6.88 -31.30 -2.40
CA ASP A 205 6.11 -31.68 -1.22
C ASP A 205 4.96 -30.70 -1.02
N GLY A 206 5.24 -29.40 -1.13
CA GLY A 206 4.20 -28.40 -1.05
C GLY A 206 4.20 -27.42 -2.20
N LEU A 207 3.43 -26.35 -2.06
CA LEU A 207 3.39 -25.29 -3.06
C LEU A 207 4.63 -24.41 -2.98
N LEU A 208 5.14 -24.02 -4.16
CA LEU A 208 6.20 -23.02 -4.28
C LEU A 208 7.33 -23.20 -3.29
N THR A 209 8.11 -24.28 -3.41
CA THR A 209 9.19 -24.52 -2.46
C THR A 209 10.40 -23.62 -2.68
N HIS A 210 10.31 -22.64 -3.57
CA HIS A 210 11.41 -21.70 -3.78
C HIS A 210 11.03 -20.29 -3.38
N CYS A 211 10.59 -20.12 -2.12
CA CYS A 211 10.30 -18.82 -1.54
C CYS A 211 10.69 -18.89 -0.06
N ASP A 212 10.13 -17.99 0.74
CA ASP A 212 10.47 -17.96 2.16
C ASP A 212 9.87 -19.16 2.89
N GLU A 213 10.64 -19.71 3.83
CA GLU A 213 10.20 -20.90 4.57
C GLU A 213 9.00 -20.57 5.45
N THR A 214 9.13 -19.60 6.34
CA THR A 214 8.08 -19.18 7.26
C THR A 214 7.00 -18.36 6.57
N ILE A 215 7.04 -18.33 5.24
CA ILE A 215 5.95 -17.82 4.42
C ILE A 215 5.27 -18.95 3.66
N CYS A 216 6.06 -19.88 3.11
CA CYS A 216 5.51 -21.13 2.59
C CYS A 216 4.65 -21.82 3.65
N HIS A 217 5.07 -21.76 4.91
CA HIS A 217 4.31 -22.38 5.99
C HIS A 217 2.89 -21.86 6.04
N ARG A 218 2.72 -20.56 6.29
CA ARG A 218 1.38 -20.01 6.43
C ARG A 218 0.70 -19.73 5.09
N PHE A 219 1.33 -20.06 3.97
CA PHE A 219 0.57 -20.08 2.72
C PHE A 219 0.01 -21.48 2.47
N ASN A 220 0.79 -22.52 2.79
CA ASN A 220 0.26 -23.88 2.82
C ASN A 220 -0.93 -23.98 3.77
N GLU A 221 -0.82 -23.36 4.94
CA GLU A 221 -1.86 -23.49 5.95
C GLU A 221 -3.00 -22.49 5.74
N ILE A 222 -3.22 -22.07 4.49
CA ILE A 222 -4.46 -21.41 4.10
C ILE A 222 -4.89 -21.99 2.76
N ALA A 223 -3.92 -22.40 1.93
CA ALA A 223 -4.24 -23.05 0.68
C ALA A 223 -4.83 -24.44 0.88
N ALA A 224 -4.48 -25.10 2.00
CA ALA A 224 -5.07 -26.41 2.28
C ALA A 224 -6.59 -26.31 2.47
N THR A 225 -7.06 -25.21 3.04
CA THR A 225 -8.48 -25.02 3.33
C THR A 225 -9.25 -24.39 2.17
N LYS A 226 -8.83 -24.62 0.93
CA LYS A 226 -9.53 -24.06 -0.22
C LYS A 226 -9.31 -24.89 -1.47
N TRP A 227 -8.07 -25.34 -1.70
CA TRP A 227 -7.73 -26.12 -2.87
C TRP A 227 -7.31 -27.53 -2.45
N ASP A 228 -7.42 -28.47 -3.39
CA ASP A 228 -6.97 -29.84 -3.17
C ASP A 228 -5.48 -29.88 -3.44
N ILE A 229 -4.68 -29.94 -2.38
CA ILE A 229 -3.23 -29.92 -2.48
C ILE A 229 -2.75 -31.35 -2.38
N ARG A 230 -2.42 -31.95 -3.52
CA ARG A 230 -1.68 -33.19 -3.56
C ARG A 230 -0.20 -32.87 -3.44
N THR A 231 0.50 -33.56 -2.55
CA THR A 231 1.90 -33.26 -2.29
C THR A 231 2.77 -33.69 -3.46
N HIS A 232 3.71 -34.62 -3.24
CA HIS A 232 4.59 -35.05 -4.33
C HIS A 232 3.76 -35.58 -5.49
N GLU A 233 3.43 -36.87 -5.48
CA GLU A 233 2.48 -37.46 -6.41
C GLU A 233 2.77 -37.02 -7.86
N ASN A 234 3.92 -37.46 -8.34
CA ASN A 234 4.39 -37.03 -9.66
C ASN A 234 3.46 -37.56 -10.75
N VAL A 235 2.88 -36.65 -11.53
CA VAL A 235 1.94 -37.05 -12.58
C VAL A 235 2.70 -37.85 -13.64
N ILE A 236 2.39 -39.14 -13.74
CA ILE A 236 3.16 -40.03 -14.59
C ILE A 236 2.80 -39.84 -16.06
N GLY A 237 1.61 -39.34 -16.34
CA GLY A 237 1.06 -39.35 -17.68
C GLY A 237 -0.42 -39.08 -17.63
N SER A 238 -1.00 -38.86 -18.81
CA SER A 238 -2.42 -38.57 -18.90
C SER A 238 -3.05 -39.41 -20.00
N HIS A 239 -4.34 -39.69 -19.83
CA HIS A 239 -5.15 -40.36 -20.85
C HIS A 239 -6.55 -39.76 -20.76
N GLN A 240 -7.03 -39.17 -21.85
CA GLN A 240 -8.38 -38.63 -21.88
C GLN A 240 -9.39 -39.78 -21.92
N ASP A 241 -10.51 -39.60 -21.21
CA ASP A 241 -11.53 -40.64 -21.08
C ASP A 241 -12.88 -39.99 -21.40
N GLY A 242 -13.09 -39.65 -22.67
CA GLY A 242 -14.32 -38.99 -23.07
C GLY A 242 -14.26 -37.54 -22.63
N ASP A 243 -15.36 -37.05 -22.07
CA ASP A 243 -15.30 -35.76 -21.40
C ASP A 243 -14.57 -35.93 -20.06
N ARG A 244 -14.17 -34.79 -19.47
CA ARG A 244 -13.43 -34.77 -18.21
C ARG A 244 -12.03 -35.35 -18.38
N ILE A 245 -11.01 -34.57 -18.07
CA ILE A 245 -9.63 -35.00 -18.23
C ILE A 245 -9.16 -35.68 -16.96
N VAL A 246 -8.49 -36.81 -17.12
CA VAL A 246 -7.98 -37.62 -16.02
C VAL A 246 -6.48 -37.83 -16.22
N LEU A 247 -5.69 -37.36 -15.28
CA LEU A 247 -4.25 -37.65 -15.26
C LEU A 247 -3.98 -38.83 -14.33
N GLU A 248 -2.95 -39.60 -14.67
CA GLU A 248 -2.53 -40.74 -13.87
C GLU A 248 -1.45 -40.30 -12.88
N LEU A 249 -1.67 -40.62 -11.61
CA LEU A 249 -0.86 -40.15 -10.50
C LEU A 249 0.16 -41.21 -10.06
N ASP A 250 1.22 -40.73 -9.40
CA ASP A 250 2.34 -41.59 -9.04
C ASP A 250 1.93 -42.74 -8.13
N ASP A 251 0.86 -42.59 -7.36
CA ASP A 251 0.40 -43.63 -6.45
C ASP A 251 -0.83 -44.37 -6.98
N GLY A 252 -1.16 -44.20 -8.26
CA GLY A 252 -2.27 -44.88 -8.89
C GLY A 252 -3.59 -44.14 -8.82
N LYS A 253 -3.79 -43.30 -7.81
CA LYS A 253 -5.02 -42.53 -7.65
C LYS A 253 -5.12 -41.47 -8.74
N THR A 254 -5.71 -41.82 -9.88
CA THR A 254 -5.83 -40.90 -11.00
C THR A 254 -6.80 -39.78 -10.66
N VAL A 255 -6.40 -38.54 -11.00
CA VAL A 255 -7.16 -37.34 -10.64
C VAL A 255 -7.89 -36.81 -11.87
N ALA A 256 -9.08 -36.26 -11.66
CA ALA A 256 -9.96 -35.83 -12.73
C ALA A 256 -10.46 -34.41 -12.51
N ALA A 257 -10.67 -33.71 -13.62
CA ALA A 257 -11.24 -32.36 -13.60
C ALA A 257 -11.54 -31.93 -15.03
N ASP A 258 -12.28 -30.82 -15.18
CA ASP A 258 -12.69 -30.33 -16.48
C ASP A 258 -11.50 -29.89 -17.30
N THR A 259 -11.00 -28.70 -17.02
CA THR A 259 -9.91 -28.10 -17.77
C THR A 259 -8.58 -28.41 -17.09
N LEU A 260 -7.50 -28.21 -17.85
CA LEU A 260 -6.15 -28.51 -17.36
C LEU A 260 -5.36 -27.22 -17.17
N LEU A 261 -4.24 -27.37 -16.48
CA LEU A 261 -3.29 -26.29 -16.29
C LEU A 261 -1.92 -26.93 -16.06
N VAL A 262 -0.86 -26.20 -16.39
CA VAL A 262 0.50 -26.71 -16.25
C VAL A 262 1.33 -25.62 -15.61
N ALA A 263 2.34 -25.12 -16.34
CA ALA A 263 3.17 -24.01 -15.88
C ALA A 263 3.88 -24.35 -14.55
N THR A 264 4.85 -25.25 -14.68
CA THR A 264 5.74 -25.56 -13.57
C THR A 264 6.95 -24.63 -13.54
N GLY A 265 7.28 -24.00 -14.67
CA GLY A 265 8.39 -23.07 -14.73
C GLY A 265 8.53 -22.54 -16.14
N ARG A 266 9.51 -21.65 -16.32
CA ARG A 266 9.77 -21.01 -17.59
C ARG A 266 11.18 -21.28 -18.06
N VAL A 267 11.40 -21.09 -19.36
CA VAL A 267 12.72 -21.18 -19.95
C VAL A 267 12.89 -20.05 -20.96
N PRO A 268 14.06 -19.43 -21.04
CA PRO A 268 14.29 -18.39 -22.05
C PRO A 268 14.37 -18.98 -23.44
N ASN A 269 14.31 -18.09 -24.43
CA ASN A 269 14.23 -18.51 -25.83
C ASN A 269 15.46 -18.01 -26.58
N GLY A 270 16.63 -18.51 -26.21
CA GLY A 270 17.86 -18.19 -26.92
C GLY A 270 18.30 -19.33 -27.81
N ASP A 271 17.85 -20.54 -27.47
CA ASP A 271 18.24 -21.72 -28.24
C ASP A 271 17.77 -21.62 -29.68
N LEU A 272 16.55 -21.12 -29.89
CA LEU A 272 15.94 -21.06 -31.22
C LEU A 272 16.76 -20.23 -32.20
N LEU A 273 17.77 -19.51 -31.74
CA LEU A 273 18.60 -18.67 -32.59
C LEU A 273 19.81 -19.39 -33.15
N ASP A 274 20.14 -20.58 -32.65
CA ASP A 274 21.37 -21.29 -33.02
C ASP A 274 22.59 -20.37 -32.94
N ALA A 275 22.61 -19.53 -31.90
CA ALA A 275 23.74 -18.63 -31.69
C ALA A 275 25.06 -19.37 -31.49
N GLU A 276 25.03 -20.69 -31.32
CA GLU A 276 26.23 -21.50 -31.30
C GLU A 276 27.15 -21.17 -32.48
N LEU A 277 26.57 -20.91 -33.65
CA LEU A 277 27.37 -20.60 -34.83
C LEU A 277 27.96 -19.19 -34.75
N ALA A 278 27.17 -18.21 -34.31
CA ALA A 278 27.65 -16.83 -34.24
C ALA A 278 28.48 -16.57 -32.99
N GLY A 279 29.08 -17.61 -32.44
CA GLY A 279 29.95 -17.50 -31.27
C GLY A 279 29.30 -16.79 -30.10
N VAL A 280 28.20 -17.34 -29.60
CA VAL A 280 27.56 -16.86 -28.38
C VAL A 280 27.12 -18.07 -27.56
N GLU A 281 27.50 -18.10 -26.28
CA GLU A 281 27.12 -19.20 -25.41
C GLU A 281 25.69 -19.00 -24.92
N VAL A 282 24.90 -20.07 -25.00
CA VAL A 282 23.53 -20.06 -24.49
C VAL A 282 23.39 -20.83 -23.18
N ASP A 283 24.17 -21.90 -22.99
CA ASP A 283 24.18 -22.70 -21.77
C ASP A 283 22.81 -23.26 -21.39
N GLU A 284 22.45 -24.40 -21.98
CA GLU A 284 21.23 -25.18 -21.73
C GLU A 284 19.97 -24.39 -21.41
N ASP A 285 20.05 -23.40 -20.52
CA ASP A 285 18.85 -22.71 -20.07
C ASP A 285 18.15 -21.97 -21.20
N GLY A 286 18.91 -21.50 -22.18
CA GLY A 286 18.42 -20.43 -23.02
C GLY A 286 18.80 -19.07 -22.50
N ARG A 287 19.56 -19.01 -21.41
CA ARG A 287 19.83 -17.75 -20.72
C ARG A 287 20.72 -16.80 -21.52
N VAL A 288 21.60 -17.33 -22.38
CA VAL A 288 22.47 -16.50 -23.20
C VAL A 288 23.46 -15.76 -22.28
N ILE A 289 24.74 -15.82 -22.61
CA ILE A 289 25.76 -15.31 -21.70
C ILE A 289 25.75 -13.78 -21.73
N VAL A 290 25.74 -13.17 -20.54
CA VAL A 290 25.94 -11.74 -20.38
C VAL A 290 26.81 -11.49 -19.17
N ASP A 291 26.89 -10.23 -18.73
CA ASP A 291 27.65 -9.87 -17.54
C ASP A 291 26.99 -8.71 -16.80
N GLN A 292 27.78 -7.83 -16.21
CA GLN A 292 27.24 -6.68 -15.50
C GLN A 292 26.47 -5.76 -16.45
N TYR A 293 27.10 -5.44 -17.59
CA TYR A 293 26.55 -4.51 -18.56
C TYR A 293 25.66 -5.20 -19.59
N GLN A 294 25.18 -6.40 -19.28
CA GLN A 294 24.43 -7.24 -20.22
C GLN A 294 25.22 -7.47 -21.51
N ARG A 295 26.54 -7.48 -21.40
CA ARG A 295 27.41 -7.69 -22.54
C ARG A 295 27.71 -9.18 -22.69
N THR A 296 27.36 -9.74 -23.85
CA THR A 296 27.68 -11.12 -24.15
C THR A 296 29.12 -11.27 -24.60
N THR A 297 29.37 -12.24 -25.49
CA THR A 297 30.71 -12.50 -26.01
C THR A 297 30.91 -11.98 -27.41
N ALA A 298 29.83 -11.65 -28.12
CA ALA A 298 29.90 -11.01 -29.42
C ALA A 298 29.68 -9.51 -29.27
N ARG A 299 30.21 -8.76 -30.22
CA ARG A 299 30.35 -7.31 -30.10
C ARG A 299 29.08 -6.59 -30.53
N GLY A 300 28.78 -5.48 -29.86
CA GLY A 300 27.62 -4.68 -30.21
C GLY A 300 26.28 -5.31 -29.90
N VAL A 301 26.25 -6.62 -29.67
CA VAL A 301 25.03 -7.34 -29.39
C VAL A 301 24.88 -7.53 -27.88
N PHE A 302 23.62 -7.52 -27.43
CA PHE A 302 23.31 -7.58 -26.00
C PHE A 302 22.05 -8.42 -25.79
N ALA A 303 21.64 -8.52 -24.52
CA ALA A 303 20.44 -9.24 -24.13
C ALA A 303 19.79 -8.51 -22.96
N LEU A 304 18.58 -8.94 -22.61
CA LEU A 304 17.75 -8.29 -21.61
C LEU A 304 17.21 -9.37 -20.67
N GLY A 305 16.42 -8.94 -19.67
CA GLY A 305 15.84 -9.88 -18.73
C GLY A 305 15.08 -11.06 -19.32
N ASP A 306 14.51 -11.89 -18.45
CA ASP A 306 13.88 -13.14 -18.86
C ASP A 306 14.81 -13.99 -19.74
N VAL A 307 15.10 -13.52 -20.95
CA VAL A 307 15.97 -14.27 -21.85
C VAL A 307 17.37 -14.38 -21.28
N SER A 308 17.75 -13.48 -20.37
CA SER A 308 19.15 -13.41 -19.93
C SER A 308 19.34 -13.15 -18.44
N SER A 309 18.47 -12.39 -17.78
CA SER A 309 18.69 -12.06 -16.37
C SER A 309 18.57 -13.31 -15.51
N ASP A 310 18.86 -13.13 -14.21
CA ASP A 310 18.60 -14.16 -13.22
C ASP A 310 17.26 -13.95 -12.54
N TYR A 311 16.49 -12.97 -13.02
CA TYR A 311 15.12 -12.73 -12.60
C TYR A 311 14.31 -12.52 -13.87
N GLN A 312 13.26 -13.32 -14.04
CA GLN A 312 12.45 -13.25 -15.26
C GLN A 312 11.25 -12.33 -15.04
N LEU A 313 11.58 -11.08 -14.71
CA LEU A 313 10.62 -10.06 -14.34
C LEU A 313 10.86 -8.82 -15.20
N LYS A 314 9.87 -7.93 -15.21
CA LYS A 314 9.91 -6.78 -16.11
C LYS A 314 10.67 -5.59 -15.54
N HIS A 315 10.78 -5.45 -14.23
CA HIS A 315 11.58 -4.35 -13.68
C HIS A 315 13.07 -4.56 -13.91
N VAL A 316 13.56 -5.77 -13.63
CA VAL A 316 14.95 -6.09 -13.96
C VAL A 316 15.15 -6.04 -15.47
N ALA A 317 14.13 -6.45 -16.23
CA ALA A 317 14.20 -6.33 -17.68
C ALA A 317 14.31 -4.89 -18.11
N ASN A 318 13.66 -3.97 -17.39
CA ASN A 318 13.70 -2.56 -17.75
C ASN A 318 15.05 -1.95 -17.39
N HIS A 319 15.65 -2.35 -16.27
CA HIS A 319 17.00 -1.88 -15.95
C HIS A 319 18.02 -2.41 -16.95
N GLU A 320 17.90 -3.68 -17.33
CA GLU A 320 18.78 -4.24 -18.35
C GLU A 320 18.54 -3.58 -19.70
N ALA A 321 17.29 -3.23 -20.01
CA ALA A 321 17.00 -2.46 -21.21
C ALA A 321 17.64 -1.08 -21.14
N ARG A 322 17.67 -0.48 -19.95
CA ARG A 322 18.33 0.80 -19.76
C ARG A 322 19.80 0.69 -20.13
N VAL A 323 20.49 -0.29 -19.55
CA VAL A 323 21.91 -0.44 -19.84
C VAL A 323 22.12 -0.84 -21.30
N VAL A 324 21.19 -1.59 -21.90
CA VAL A 324 21.35 -1.97 -23.30
C VAL A 324 21.25 -0.74 -24.20
N LYS A 325 20.13 -0.02 -24.11
CA LYS A 325 19.92 1.16 -24.94
C LYS A 325 20.93 2.26 -24.64
N GLU A 326 21.65 2.18 -23.53
CA GLU A 326 22.68 3.17 -23.25
C GLU A 326 24.07 2.75 -23.69
N ASN A 327 24.40 1.46 -23.63
CA ASN A 327 25.75 1.00 -23.91
C ASN A 327 26.09 0.89 -25.39
N LEU A 328 25.11 0.97 -26.29
CA LEU A 328 25.46 1.00 -27.70
C LEU A 328 26.09 2.32 -28.13
N LEU A 329 26.26 3.26 -27.21
CA LEU A 329 26.89 4.55 -27.48
C LEU A 329 28.16 4.75 -26.67
N ARG A 330 28.17 4.35 -25.41
CA ARG A 330 29.39 4.33 -24.60
C ARG A 330 30.07 3.01 -24.97
N ASP A 331 30.91 3.06 -26.00
CA ASP A 331 31.49 1.87 -26.62
C ASP A 331 32.13 0.91 -25.62
N TRP A 332 32.23 -0.37 -26.02
CA TRP A 332 32.73 -1.43 -25.15
C TRP A 332 34.16 -1.18 -24.67
N ASP A 333 34.82 -0.13 -25.15
CA ASP A 333 36.18 0.19 -24.76
C ASP A 333 36.29 0.41 -23.26
N ASP A 334 35.74 1.52 -22.79
CA ASP A 334 35.82 1.91 -21.39
C ASP A 334 34.85 1.07 -20.57
N THR A 335 35.37 0.06 -19.88
CA THR A 335 34.53 -0.73 -18.98
C THR A 335 34.01 0.12 -17.83
N ALA A 336 34.66 1.27 -17.57
CA ALA A 336 34.15 2.26 -16.64
C ALA A 336 33.23 3.20 -17.39
N SER A 337 32.30 3.82 -16.65
CA SER A 337 31.33 4.76 -17.18
C SER A 337 30.50 4.17 -18.31
N LEU A 338 30.60 2.86 -18.55
CA LEU A 338 29.78 2.15 -19.50
C LEU A 338 28.40 1.81 -18.93
N VAL A 339 28.17 2.08 -17.65
CA VAL A 339 26.89 1.90 -16.97
C VAL A 339 26.53 0.42 -16.85
N ALA A 340 26.34 -0.05 -15.62
CA ALA A 340 26.06 -1.44 -15.33
C ALA A 340 24.64 -1.59 -14.80
N SER A 341 24.08 -2.78 -14.97
CA SER A 341 22.74 -3.05 -14.46
C SER A 341 22.75 -3.17 -12.95
N ASP A 342 21.58 -2.98 -12.35
CA ASP A 342 21.38 -3.19 -10.93
C ASP A 342 20.87 -4.61 -10.72
N HIS A 343 21.77 -5.51 -10.32
CA HIS A 343 21.41 -6.90 -10.05
C HIS A 343 21.55 -7.24 -8.57
N ARG A 344 21.36 -6.25 -7.70
CA ARG A 344 21.24 -6.51 -6.27
C ARG A 344 19.81 -6.88 -5.92
N PHE A 345 19.35 -6.53 -4.71
CA PHE A 345 17.97 -6.65 -4.26
C PHE A 345 16.97 -6.43 -5.39
N VAL A 346 16.08 -7.40 -5.60
CA VAL A 346 14.92 -7.23 -6.48
C VAL A 346 13.68 -7.75 -5.78
N PRO A 347 12.52 -7.12 -5.99
CA PRO A 347 11.27 -7.64 -5.42
C PRO A 347 10.57 -8.61 -6.36
N SER A 348 9.96 -9.62 -5.76
CA SER A 348 9.05 -10.52 -6.46
C SER A 348 7.69 -10.43 -5.78
N ALA A 349 6.62 -10.53 -6.56
CA ALA A 349 5.28 -10.44 -6.01
C ALA A 349 4.39 -11.44 -6.73
N VAL A 350 3.78 -12.34 -5.97
CA VAL A 350 2.80 -13.29 -6.48
C VAL A 350 1.45 -12.90 -5.89
N PHE A 351 0.51 -12.51 -6.75
CA PHE A 351 -0.80 -12.03 -6.33
C PHE A 351 -1.75 -13.21 -6.26
N THR A 352 -1.93 -13.76 -5.06
CA THR A 352 -2.81 -14.89 -4.84
C THR A 352 -3.74 -14.53 -3.68
N ASP A 353 -4.25 -15.54 -2.99
CA ASP A 353 -5.10 -15.34 -1.82
C ASP A 353 -4.41 -15.91 -0.59
N PRO A 354 -3.82 -15.07 0.25
CA PRO A 354 -3.65 -13.63 0.10
C PRO A 354 -2.44 -13.31 -0.78
N GLN A 355 -2.14 -12.05 -1.03
CA GLN A 355 -0.98 -11.69 -1.83
C GLN A 355 0.30 -12.07 -1.11
N VAL A 356 1.40 -12.08 -1.85
CA VAL A 356 2.71 -12.30 -1.25
C VAL A 356 3.74 -11.48 -2.01
N ALA A 357 4.69 -10.92 -1.27
CA ALA A 357 5.75 -10.09 -1.86
C ALA A 357 7.02 -10.28 -1.05
N THR A 358 8.11 -10.60 -1.75
CA THR A 358 9.41 -10.83 -1.14
C THR A 358 10.46 -9.93 -1.76
N VAL A 359 11.53 -9.70 -0.98
CA VAL A 359 12.67 -8.92 -1.44
C VAL A 359 13.88 -9.33 -0.62
N GLY A 360 15.05 -9.32 -1.26
CA GLY A 360 16.28 -9.60 -0.54
C GLY A 360 16.46 -11.07 -0.19
N LEU A 361 17.05 -11.31 0.97
CA LEU A 361 17.47 -12.64 1.39
C LEU A 361 16.55 -13.18 2.47
N THR A 362 16.39 -14.50 2.48
CA THR A 362 15.62 -15.19 3.50
C THR A 362 16.52 -15.60 4.67
N GLU A 363 15.91 -16.20 5.70
CA GLU A 363 16.69 -16.60 6.87
C GLU A 363 17.73 -17.63 6.50
N ALA A 364 17.36 -18.60 5.66
CA ALA A 364 18.32 -19.60 5.22
C ALA A 364 19.51 -18.96 4.52
N GLU A 365 19.26 -17.95 3.68
CA GLU A 365 20.34 -17.32 2.94
C GLU A 365 21.34 -16.65 3.88
N ALA A 366 20.83 -15.80 4.78
CA ALA A 366 21.73 -15.07 5.68
C ALA A 366 22.40 -15.99 6.70
N ARG A 367 21.73 -17.07 7.10
CA ARG A 367 22.40 -18.04 7.98
C ARG A 367 23.50 -18.78 7.24
N ALA A 368 23.29 -19.05 5.94
CA ALA A 368 24.37 -19.62 5.14
C ALA A 368 25.45 -18.60 4.82
N ALA A 369 25.18 -17.31 5.02
CA ALA A 369 26.16 -16.26 4.79
C ALA A 369 26.94 -15.89 6.05
N GLY A 370 26.58 -16.43 7.20
CA GLY A 370 27.37 -16.32 8.40
C GLY A 370 27.05 -15.16 9.32
N HIS A 371 26.03 -14.37 9.01
CA HIS A 371 25.65 -13.24 9.86
C HIS A 371 24.66 -13.68 10.92
N ASP A 372 24.78 -13.11 12.12
CA ASP A 372 23.74 -13.24 13.13
C ASP A 372 22.59 -12.27 12.85
N ILE A 373 21.37 -12.76 13.02
CA ILE A 373 20.20 -12.13 12.43
C ILE A 373 19.24 -11.71 13.52
N VAL A 374 18.49 -10.63 13.26
CA VAL A 374 17.38 -10.24 14.13
C VAL A 374 16.07 -10.28 13.33
N VAL A 375 15.60 -11.49 13.04
CA VAL A 375 14.33 -11.66 12.33
C VAL A 375 13.16 -11.34 13.26
N LYS A 376 12.16 -10.63 12.74
CA LYS A 376 10.88 -10.52 13.42
C LYS A 376 9.75 -10.82 12.45
N VAL A 377 8.64 -11.32 12.99
CA VAL A 377 7.44 -11.56 12.20
C VAL A 377 6.30 -10.74 12.82
N GLN A 378 5.87 -9.71 12.10
CA GLN A 378 4.79 -8.84 12.57
C GLN A 378 3.46 -9.39 12.06
N ASN A 379 2.54 -9.63 12.98
CA ASN A 379 1.23 -10.14 12.61
C ASN A 379 0.36 -9.01 12.06
N TYR A 380 -0.30 -9.26 10.94
CA TYR A 380 -1.33 -8.36 10.43
C TYR A 380 -2.46 -8.28 11.46
N GLY A 381 -2.17 -7.71 12.63
CA GLY A 381 -3.02 -7.88 13.79
C GLY A 381 -3.01 -6.71 14.74
N ASP A 382 -1.97 -6.64 15.58
CA ASP A 382 -1.93 -5.65 16.67
C ASP A 382 -2.02 -4.22 16.19
N THR A 383 -1.89 -3.98 14.88
CA THR A 383 -2.20 -2.68 14.32
C THR A 383 -3.69 -2.38 14.47
N ALA A 384 -4.06 -1.13 14.22
CA ALA A 384 -5.46 -0.77 14.31
C ALA A 384 -6.25 -1.38 13.16
N TYR A 385 -5.58 -1.74 12.06
CA TYR A 385 -6.18 -2.57 11.03
C TYR A 385 -6.41 -3.95 11.60
N GLY A 386 -5.77 -4.98 11.05
CA GLY A 386 -5.85 -6.35 11.54
C GLY A 386 -7.22 -6.78 12.05
N TRP A 387 -7.63 -6.17 13.18
CA TRP A 387 -8.96 -6.38 13.72
C TRP A 387 -10.04 -5.76 12.85
N ALA A 388 -9.70 -4.76 12.04
CA ALA A 388 -10.69 -4.17 11.15
C ALA A 388 -11.03 -5.12 10.00
N MET A 389 -10.09 -5.99 9.63
CA MET A 389 -10.33 -7.00 8.62
C MET A 389 -10.49 -8.38 9.25
N GLU A 390 -10.42 -8.46 10.58
CA GLU A 390 -10.31 -9.72 11.30
C GLU A 390 -9.18 -10.57 10.72
N ASP A 391 -8.11 -9.90 10.34
CA ASP A 391 -6.96 -10.55 9.73
C ASP A 391 -6.21 -11.34 10.80
N THR A 392 -6.31 -12.67 10.74
CA THR A 392 -5.69 -13.54 11.72
C THR A 392 -4.36 -14.10 11.26
N THR A 393 -4.21 -14.37 9.97
CA THR A 393 -3.07 -15.13 9.46
C THR A 393 -2.07 -14.29 8.65
N GLY A 394 -2.39 -13.04 8.31
CA GLY A 394 -1.45 -12.24 7.56
C GLY A 394 -0.24 -11.87 8.40
N ILE A 395 0.94 -11.89 7.76
CA ILE A 395 2.20 -11.66 8.45
C ILE A 395 3.15 -10.89 7.53
N ALA A 396 4.10 -10.21 8.14
CA ALA A 396 5.23 -9.59 7.45
C ALA A 396 6.49 -9.97 8.22
N LYS A 397 7.34 -10.78 7.59
CA LYS A 397 8.57 -11.23 8.21
C LYS A 397 9.71 -10.37 7.68
N LEU A 398 10.38 -9.66 8.59
CA LEU A 398 11.48 -8.77 8.21
C LEU A 398 12.77 -9.27 8.83
N ILE A 399 13.81 -9.28 8.01
CA ILE A 399 15.13 -9.82 8.35
C ILE A 399 16.13 -8.66 8.34
N GLY A 400 16.97 -8.61 9.36
CA GLY A 400 17.95 -7.55 9.46
C GLY A 400 19.20 -8.03 10.13
N GLU A 401 20.33 -7.45 9.72
CA GLU A 401 21.62 -7.78 10.33
C GLU A 401 21.74 -7.06 11.67
N ARG A 402 22.25 -7.78 12.67
CA ARG A 402 22.38 -7.22 14.00
C ARG A 402 23.57 -6.25 14.06
N GLY A 403 23.76 -5.64 15.23
CA GLY A 403 24.85 -4.70 15.41
C GLY A 403 24.57 -3.33 14.83
N THR A 404 24.47 -3.25 13.50
CA THR A 404 24.20 -1.98 12.82
C THR A 404 22.73 -1.77 12.51
N GLY A 405 21.99 -2.84 12.24
CA GLY A 405 20.60 -2.75 11.86
C GLY A 405 20.36 -2.63 10.37
N LYS A 406 20.94 -3.55 9.60
CA LYS A 406 20.85 -3.53 8.15
C LYS A 406 19.76 -4.50 7.71
N LEU A 407 18.64 -3.99 7.23
CA LEU A 407 17.57 -4.86 6.76
C LEU A 407 18.05 -5.62 5.54
N LEU A 408 17.67 -6.89 5.43
CA LEU A 408 18.19 -7.78 4.39
C LEU A 408 17.09 -8.76 3.94
N GLY A 409 16.01 -8.20 3.40
CA GLY A 409 14.97 -9.01 2.77
C GLY A 409 13.72 -9.17 3.60
N ALA A 410 12.60 -8.66 3.07
CA ALA A 410 11.30 -8.77 3.70
C ALA A 410 10.42 -9.74 2.92
N HIS A 411 9.48 -10.37 3.63
CA HIS A 411 8.56 -11.34 3.03
C HIS A 411 7.20 -11.15 3.67
N ILE A 412 6.25 -10.60 2.93
CA ILE A 412 4.95 -10.23 3.48
C ILE A 412 3.85 -10.96 2.74
N LEU A 413 2.92 -11.56 3.49
CA LEU A 413 1.69 -12.06 2.92
C LEU A 413 0.50 -11.48 3.67
N GLY A 414 -0.56 -11.17 2.94
CA GLY A 414 -1.75 -10.57 3.49
C GLY A 414 -2.31 -9.51 2.56
N HIS A 415 -3.35 -8.80 3.00
CA HIS A 415 -3.87 -7.69 2.21
C HIS A 415 -2.79 -6.62 2.06
N GLN A 416 -2.63 -6.12 0.83
CA GLN A 416 -1.62 -5.12 0.52
C GLN A 416 -0.22 -5.61 0.89
N ALA A 417 0.42 -6.34 -0.01
CA ALA A 417 1.79 -6.79 0.17
C ALA A 417 2.78 -6.05 -0.71
N SER A 418 2.41 -5.76 -1.97
CA SER A 418 3.30 -5.07 -2.88
C SER A 418 3.48 -3.61 -2.48
N SER A 419 2.40 -2.94 -2.10
CA SER A 419 2.45 -1.54 -1.69
C SER A 419 2.85 -1.37 -0.24
N ILE A 420 3.43 -2.41 0.37
CA ILE A 420 3.86 -2.36 1.76
C ILE A 420 5.33 -2.75 1.80
N ILE A 421 5.76 -3.60 0.86
CA ILE A 421 7.16 -3.93 0.73
C ILE A 421 7.97 -2.77 0.14
N GLN A 422 7.31 -1.81 -0.50
CA GLN A 422 8.00 -0.73 -1.21
C GLN A 422 8.79 0.20 -0.30
N PRO A 423 8.28 0.61 0.87
CA PRO A 423 9.16 1.30 1.82
C PRO A 423 10.37 0.46 2.19
N LEU A 424 10.18 -0.84 2.38
CA LEU A 424 11.29 -1.72 2.69
C LEU A 424 12.23 -1.87 1.50
N ILE A 425 11.69 -1.87 0.28
CA ILE A 425 12.55 -1.89 -0.91
C ILE A 425 13.41 -0.64 -0.97
N GLN A 426 12.79 0.52 -0.75
CA GLN A 426 13.53 1.78 -0.75
C GLN A 426 14.64 1.78 0.29
N ALA A 427 14.32 1.31 1.49
CA ALA A 427 15.34 1.22 2.53
C ALA A 427 16.45 0.25 2.15
N MET A 428 16.10 -0.87 1.52
CA MET A 428 17.09 -1.88 1.15
C MET A 428 18.06 -1.34 0.11
N SER A 429 17.54 -0.77 -0.97
CA SER A 429 18.36 -0.53 -2.16
C SER A 429 19.49 0.45 -1.89
N LEU A 430 19.19 1.59 -1.27
CA LEU A 430 20.17 2.65 -1.07
C LEU A 430 20.36 2.92 0.42
N GLY A 431 21.49 2.47 0.96
CA GLY A 431 21.96 2.73 2.31
C GLY A 431 21.06 3.32 3.38
N GLN A 432 19.84 2.79 3.53
CA GLN A 432 19.02 3.04 4.72
C GLN A 432 19.20 1.90 5.71
N THR A 433 19.16 2.23 7.00
CA THR A 433 19.31 1.23 8.04
C THR A 433 17.95 0.66 8.41
N ALA A 434 17.61 0.64 9.71
CA ALA A 434 16.32 0.08 10.12
C ALA A 434 15.60 1.03 11.07
N GLN A 435 16.28 1.45 12.14
CA GLN A 435 15.70 2.37 13.10
C GLN A 435 15.27 3.67 12.42
N GLU A 436 16.10 4.14 11.48
CA GLU A 436 15.80 5.31 10.66
C GLU A 436 14.35 5.26 10.16
N ILE A 437 13.98 4.13 9.55
CA ILE A 437 12.63 3.98 9.01
C ILE A 437 11.62 4.01 10.15
N ALA A 438 11.94 3.33 11.25
CA ALA A 438 11.04 3.13 12.37
C ALA A 438 10.63 4.46 13.00
N ARG A 439 11.56 5.09 13.72
CA ARG A 439 11.25 6.28 14.49
C ARG A 439 11.88 7.54 13.92
N GLY A 440 12.28 7.51 12.64
CA GLY A 440 12.72 8.73 11.98
C GLY A 440 11.64 9.38 11.15
N GLN A 441 10.49 8.71 11.01
CA GLN A 441 9.38 9.24 10.25
C GLN A 441 8.08 8.89 10.94
N TYR A 442 7.02 9.63 10.55
CA TYR A 442 5.69 9.32 11.03
C TYR A 442 5.08 8.20 10.21
N TRP A 443 4.30 7.36 10.89
CA TRP A 443 3.43 6.39 10.22
C TRP A 443 2.02 6.80 10.62
N ILE A 444 1.18 7.03 9.61
CA ILE A 444 0.05 7.94 9.76
C ILE A 444 -0.84 7.51 10.93
N HIS A 445 -1.15 6.22 11.02
CA HIS A 445 -2.02 5.67 12.06
C HIS A 445 -3.43 6.22 11.92
N PRO A 446 -4.43 5.35 11.75
CA PRO A 446 -4.33 3.90 11.68
C PRO A 446 -4.14 3.40 10.26
N ALA A 447 -3.13 3.92 9.56
CA ALA A 447 -2.89 3.51 8.18
C ALA A 447 -2.41 2.06 8.14
N LEU A 448 -2.62 1.43 6.99
CA LEU A 448 -2.19 0.05 6.76
C LEU A 448 -0.71 -0.21 7.06
N PRO A 449 0.25 0.61 6.59
CA PRO A 449 1.67 0.27 6.78
C PRO A 449 2.14 0.19 8.22
N GLU A 450 1.25 0.46 9.19
CA GLU A 450 1.62 0.40 10.60
C GLU A 450 2.32 -0.89 11.00
N VAL A 451 2.10 -1.98 10.26
CA VAL A 451 2.78 -3.24 10.56
C VAL A 451 4.29 -3.04 10.60
N ILE A 452 4.85 -2.30 9.62
CA ILE A 452 6.29 -2.11 9.57
C ILE A 452 6.79 -1.54 10.88
N GLU A 453 6.01 -0.64 11.48
CA GLU A 453 6.32 -0.09 12.79
C GLU A 453 6.71 -1.22 13.73
N ASN A 454 5.73 -2.05 14.09
CA ASN A 454 6.01 -3.13 15.04
C ASN A 454 6.92 -4.20 14.42
N ALA A 455 7.11 -4.18 13.11
CA ALA A 455 8.11 -5.05 12.50
C ALA A 455 9.51 -4.55 12.77
N LEU A 456 9.71 -3.24 12.72
CA LEU A 456 11.03 -2.64 12.94
C LEU A 456 11.31 -2.29 14.39
N LEU A 457 10.31 -1.76 15.09
CA LEU A 457 10.50 -1.28 16.46
C LEU A 457 11.14 -2.34 17.35
N GLY A 458 10.54 -3.53 17.42
CA GLY A 458 10.99 -4.53 18.36
C GLY A 458 12.31 -5.21 18.06
N LEU A 459 13.03 -4.80 17.01
CA LEU A 459 14.30 -5.43 16.71
C LEU A 459 15.33 -5.11 17.80
N GLN A 460 16.50 -5.75 17.68
CA GLN A 460 17.59 -5.51 18.62
C GLN A 460 17.83 -4.02 18.84
N GLU A 461 17.68 -3.22 17.80
CA GLU A 461 17.86 -1.77 17.92
C GLU A 461 16.61 -1.05 17.44
N MET B 1 -2.51 16.30 52.76
CA MET B 1 -2.32 16.49 51.34
C MET B 1 -1.04 15.79 50.88
N GLU B 2 -1.07 15.28 49.65
CA GLU B 2 -0.04 14.42 49.09
C GLU B 2 0.81 15.12 48.03
N HIS B 3 2.00 14.56 47.81
CA HIS B 3 2.93 15.04 46.80
C HIS B 3 3.68 13.86 46.20
N TYR B 4 3.62 13.77 44.87
CA TYR B 4 4.22 12.69 44.09
C TYR B 4 5.44 13.18 43.34
N ASP B 5 6.15 12.23 42.73
CA ASP B 5 7.27 12.59 41.87
C ASP B 5 6.81 12.94 40.47
N LEU B 6 5.74 12.33 39.99
CA LEU B 6 5.22 12.56 38.64
C LEU B 6 3.70 12.60 38.69
N ALA B 7 3.12 13.55 37.97
CA ALA B 7 1.68 13.67 37.83
C ALA B 7 1.33 13.76 36.34
N ILE B 8 0.10 13.39 35.99
CA ILE B 8 -0.35 13.50 34.61
C ILE B 8 -1.82 13.92 34.59
N ILE B 9 -2.18 14.68 33.55
CA ILE B 9 -3.55 15.08 33.28
C ILE B 9 -3.95 14.42 31.96
N GLY B 10 -4.74 13.37 32.04
CA GLY B 10 -5.12 12.61 30.86
C GLY B 10 -4.05 11.62 30.47
N THR B 11 -4.42 10.45 29.97
CA THR B 11 -3.45 9.42 29.60
C THR B 11 -3.68 8.94 28.18
N GLY B 12 -4.02 9.86 27.27
CA GLY B 12 -4.08 9.52 25.86
C GLY B 12 -2.77 8.91 25.41
N SER B 13 -1.69 9.67 25.53
CA SER B 13 -0.34 9.13 25.46
C SER B 13 0.32 9.05 26.83
N GLY B 14 -0.40 9.43 27.89
CA GLY B 14 0.16 9.39 29.23
C GLY B 14 0.42 8.00 29.77
N ASN B 15 -0.25 6.98 29.22
CA ASN B 15 0.09 5.62 29.59
C ASN B 15 1.38 5.16 28.94
N SER B 16 1.75 5.76 27.80
CA SER B 16 3.01 5.41 27.16
C SER B 16 4.19 6.23 27.64
N ILE B 17 3.99 7.40 28.27
CA ILE B 17 5.12 8.22 28.68
C ILE B 17 5.85 7.56 29.85
N VAL B 18 5.14 7.27 30.94
CA VAL B 18 5.70 6.47 32.02
C VAL B 18 6.07 5.13 31.40
N ASP B 19 7.31 5.00 30.93
CA ASP B 19 7.76 3.83 30.20
C ASP B 19 9.14 3.50 30.75
N ASP B 20 9.14 2.81 31.90
CA ASP B 20 10.37 2.32 32.54
C ASP B 20 11.17 3.53 32.98
N ARG B 21 12.47 3.55 32.69
CA ARG B 21 13.36 4.66 33.03
C ARG B 21 13.22 5.05 34.49
N TYR B 22 12.09 5.68 34.82
CA TYR B 22 11.79 6.04 36.21
C TYR B 22 11.74 4.80 37.09
N ALA B 23 10.77 3.91 36.81
CA ALA B 23 10.62 2.60 37.43
C ALA B 23 11.03 2.54 38.90
N GLY B 24 10.28 3.20 39.77
CA GLY B 24 10.59 3.24 41.18
C GLY B 24 10.30 4.58 41.81
N LYS B 25 9.46 5.37 41.16
CA LYS B 25 9.04 6.68 41.63
C LYS B 25 7.56 6.63 42.04
N LYS B 26 7.05 7.78 42.47
CA LYS B 26 5.63 7.96 42.72
C LYS B 26 5.00 8.72 41.55
N VAL B 27 3.94 8.17 40.98
CA VAL B 27 3.28 8.75 39.82
C VAL B 27 1.78 8.82 40.08
N ALA B 28 1.16 9.94 39.69
CA ALA B 28 -0.27 10.14 39.73
C ALA B 28 -0.78 10.54 38.35
N ILE B 29 -1.99 10.09 38.02
CA ILE B 29 -2.63 10.43 36.76
C ILE B 29 -4.06 10.88 37.07
N CYS B 30 -4.69 11.54 36.10
CA CYS B 30 -6.06 12.06 36.25
C CYS B 30 -6.84 11.82 34.96
N GLU B 31 -7.81 10.91 34.99
CA GLU B 31 -8.68 10.65 33.87
C GLU B 31 -10.06 11.25 34.11
N GLN B 32 -10.58 11.96 33.10
CA GLN B 32 -11.91 12.55 33.15
C GLN B 32 -12.92 11.78 32.31
N GLY B 33 -12.56 11.36 31.09
CA GLY B 33 -13.54 10.68 30.27
C GLY B 33 -13.37 9.18 30.35
N THR B 34 -12.27 8.65 29.84
CA THR B 34 -12.03 7.21 29.91
C THR B 34 -10.53 7.00 29.82
N PHE B 35 -10.00 6.10 30.64
CA PHE B 35 -8.56 5.84 30.62
C PHE B 35 -8.17 5.24 29.27
N GLY B 36 -7.32 5.95 28.55
CA GLY B 36 -6.96 5.54 27.20
C GLY B 36 -7.02 6.69 26.21
N GLY B 37 -7.54 7.82 26.65
CA GLY B 37 -7.68 9.01 25.82
C GLY B 37 -8.70 8.83 24.71
N THR B 38 -8.52 9.60 23.63
CA THR B 38 -9.40 9.52 22.47
C THR B 38 -8.97 8.44 21.47
N CYS B 39 -7.71 8.03 21.49
CA CYS B 39 -7.22 7.06 20.50
C CYS B 39 -7.96 5.75 20.61
N LEU B 40 -7.94 5.17 21.81
CA LEU B 40 -8.47 3.83 22.02
C LEU B 40 -9.98 3.83 22.21
N ASN B 41 -10.56 4.96 22.64
CA ASN B 41 -11.97 4.99 23.02
C ASN B 41 -12.89 5.74 22.06
N VAL B 42 -12.37 6.67 21.25
CA VAL B 42 -13.25 7.55 20.49
C VAL B 42 -12.70 7.91 19.11
N GLY B 43 -11.40 8.14 19.02
CA GLY B 43 -10.82 8.76 17.85
C GLY B 43 -10.26 7.84 16.78
N CYS B 44 -8.94 7.65 16.80
CA CYS B 44 -8.24 6.99 15.70
C CYS B 44 -8.71 5.55 15.53
N ILE B 45 -8.59 4.73 16.57
CA ILE B 45 -8.96 3.32 16.46
C ILE B 45 -10.39 3.14 15.93
N PRO B 46 -11.43 3.80 16.51
CA PRO B 46 -12.76 3.74 15.88
C PRO B 46 -12.77 4.44 14.53
N THR B 47 -13.95 4.93 14.11
CA THR B 47 -14.08 5.73 12.88
C THR B 47 -13.54 4.98 11.66
N LYS B 48 -12.27 4.61 11.69
CA LYS B 48 -11.62 3.89 10.61
C LYS B 48 -11.86 2.39 10.67
N MET B 49 -12.55 1.90 11.70
CA MET B 49 -12.80 0.47 11.84
C MET B 49 -13.99 0.03 11.00
N PHE B 50 -15.11 0.72 11.13
CA PHE B 50 -16.26 0.50 10.26
C PHE B 50 -15.91 0.69 8.79
N VAL B 51 -14.78 1.34 8.50
CA VAL B 51 -14.43 1.71 7.13
C VAL B 51 -14.27 0.48 6.25
N TYR B 52 -13.78 -0.63 6.78
CA TYR B 52 -13.62 -1.80 5.92
C TYR B 52 -14.96 -2.45 5.60
N ALA B 53 -15.88 -2.50 6.57
CA ALA B 53 -17.24 -2.91 6.28
C ALA B 53 -17.84 -2.04 5.18
N ALA B 54 -17.67 -0.73 5.30
CA ALA B 54 -18.17 0.18 4.26
C ALA B 54 -17.47 -0.04 2.93
N GLU B 55 -16.18 -0.37 2.94
CA GLU B 55 -15.45 -0.54 1.70
C GLU B 55 -15.87 -1.83 0.99
N VAL B 56 -16.18 -2.88 1.75
CA VAL B 56 -16.78 -4.06 1.14
C VAL B 56 -18.16 -3.72 0.58
N ALA B 57 -18.94 -2.94 1.35
CA ALA B 57 -20.27 -2.51 0.91
C ALA B 57 -20.20 -1.54 -0.27
N HIS B 58 -19.02 -1.02 -0.59
CA HIS B 58 -18.78 -0.22 -1.78
C HIS B 58 -18.27 -1.04 -2.96
N SER B 59 -17.41 -2.03 -2.68
CA SER B 59 -16.94 -2.92 -3.74
C SER B 59 -18.10 -3.75 -4.30
N VAL B 60 -19.08 -4.09 -3.47
CA VAL B 60 -20.28 -4.75 -4.02
C VAL B 60 -21.00 -3.81 -4.97
N ARG B 61 -21.10 -2.52 -4.61
CA ARG B 61 -21.75 -1.54 -5.48
C ARG B 61 -21.03 -1.40 -6.81
N THR B 62 -19.69 -1.43 -6.79
CA THR B 62 -18.92 -1.24 -8.01
C THR B 62 -18.61 -2.53 -8.75
N SER B 63 -19.01 -3.69 -8.22
CA SER B 63 -18.74 -4.96 -8.88
C SER B 63 -19.27 -5.00 -10.31
N ALA B 64 -20.41 -4.33 -10.57
CA ALA B 64 -21.01 -4.36 -11.91
C ALA B 64 -20.05 -3.86 -12.99
N ARG B 65 -19.15 -2.94 -12.64
CA ARG B 65 -18.22 -2.39 -13.63
C ARG B 65 -17.24 -3.43 -14.16
N TYR B 66 -16.96 -4.49 -13.40
CA TYR B 66 -15.90 -5.42 -13.72
C TYR B 66 -16.42 -6.80 -14.13
N GLY B 67 -17.62 -6.84 -14.73
CA GLY B 67 -18.21 -8.11 -15.10
C GLY B 67 -18.53 -8.98 -13.91
N VAL B 68 -18.94 -8.37 -12.80
CA VAL B 68 -19.26 -9.08 -11.57
C VAL B 68 -20.61 -8.60 -11.08
N ASP B 69 -21.39 -9.51 -10.49
CA ASP B 69 -22.68 -9.18 -9.90
C ASP B 69 -22.66 -9.52 -8.42
N ALA B 70 -23.22 -8.62 -7.61
CA ALA B 70 -23.22 -8.80 -6.17
C ALA B 70 -24.41 -8.05 -5.58
N HIS B 71 -24.89 -8.53 -4.45
CA HIS B 71 -26.12 -8.04 -3.83
C HIS B 71 -25.82 -7.40 -2.48
N ILE B 72 -26.62 -6.38 -2.14
CA ILE B 72 -26.45 -5.70 -0.86
C ILE B 72 -26.95 -6.58 0.28
N ASP B 73 -27.91 -7.47 -0.01
CA ASP B 73 -28.49 -8.43 0.91
C ASP B 73 -28.79 -7.89 2.31
N LYS B 74 -27.79 -7.72 3.16
CA LYS B 74 -28.05 -7.41 4.55
C LYS B 74 -26.92 -6.58 5.15
N VAL B 75 -27.30 -5.68 6.06
CA VAL B 75 -26.37 -4.86 6.83
C VAL B 75 -26.49 -5.27 8.29
N ARG B 76 -25.41 -5.82 8.86
CA ARG B 76 -25.41 -6.27 10.25
C ARG B 76 -24.87 -5.16 11.16
N TRP B 77 -25.52 -4.00 11.13
CA TRP B 77 -25.08 -2.86 11.93
C TRP B 77 -24.86 -3.20 13.40
N PRO B 78 -25.77 -3.90 14.10
CA PRO B 78 -25.45 -4.28 15.49
C PRO B 78 -24.22 -5.16 15.59
N ASP B 79 -24.06 -6.12 14.68
CA ASP B 79 -22.89 -6.99 14.73
C ASP B 79 -21.63 -6.23 14.38
N ILE B 80 -21.72 -5.23 13.51
CA ILE B 80 -20.54 -4.42 13.20
C ILE B 80 -20.14 -3.60 14.42
N VAL B 81 -21.11 -2.97 15.08
CA VAL B 81 -20.79 -2.14 16.25
C VAL B 81 -20.21 -2.99 17.37
N GLU B 82 -20.78 -4.18 17.60
CA GLU B 82 -20.26 -5.03 18.67
C GLU B 82 -18.91 -5.63 18.30
N ARG B 83 -18.64 -5.81 17.00
CA ARG B 83 -17.32 -6.25 16.56
C ARG B 83 -16.29 -5.14 16.73
N VAL B 84 -16.71 -3.88 16.60
CA VAL B 84 -15.80 -2.75 16.76
C VAL B 84 -15.48 -2.51 18.23
N PHE B 85 -16.52 -2.33 19.03
CA PHE B 85 -16.38 -1.93 20.43
C PHE B 85 -16.25 -3.11 21.37
N GLY B 86 -16.20 -4.33 20.86
CA GLY B 86 -15.78 -5.44 21.68
C GLY B 86 -14.28 -5.55 21.82
N ARG B 87 -13.56 -4.66 21.15
CA ARG B 87 -12.10 -4.60 21.19
C ARG B 87 -11.59 -3.51 22.11
N ILE B 88 -12.37 -2.45 22.33
CA ILE B 88 -11.92 -1.28 23.06
C ILE B 88 -12.69 -1.06 24.35
N ASP B 89 -13.54 -2.00 24.75
CA ASP B 89 -14.18 -1.89 26.06
C ASP B 89 -13.42 -2.68 27.12
N PRO B 90 -13.04 -3.96 26.88
CA PRO B 90 -12.21 -4.66 27.86
C PRO B 90 -10.76 -4.21 27.85
N ILE B 91 -10.21 -3.94 26.65
CA ILE B 91 -8.83 -3.50 26.55
C ILE B 91 -8.65 -2.12 27.17
N ALA B 92 -9.67 -1.26 27.10
CA ALA B 92 -9.59 0.03 27.77
C ALA B 92 -9.49 -0.16 29.28
N ALA B 93 -10.29 -1.07 29.84
CA ALA B 93 -10.19 -1.41 31.25
C ALA B 93 -9.16 -2.50 31.52
N GLY B 94 -8.23 -2.71 30.60
CA GLY B 94 -7.16 -3.66 30.79
C GLY B 94 -5.82 -2.96 30.76
N GLY B 95 -5.62 -2.13 29.74
CA GLY B 95 -4.49 -1.21 29.70
C GLY B 95 -4.57 -0.11 30.73
N GLU B 96 -5.69 -0.01 31.45
CA GLU B 96 -5.85 0.99 32.50
C GLU B 96 -5.26 0.50 33.81
N ASP B 97 -5.52 -0.76 34.19
CA ASP B 97 -4.82 -1.36 35.31
C ASP B 97 -3.34 -1.48 35.05
N TYR B 98 -2.95 -1.54 33.78
CA TYR B 98 -1.53 -1.48 33.39
C TYR B 98 -0.84 -0.28 34.01
N ARG B 99 -1.55 0.85 34.11
CA ARG B 99 -0.95 2.11 34.53
C ARG B 99 -1.67 2.72 35.73
N ARG B 100 -2.58 2.00 36.37
CA ARG B 100 -3.23 2.51 37.57
C ARG B 100 -2.90 1.70 38.82
N SER B 101 -3.29 0.42 38.86
CA SER B 101 -3.08 -0.36 40.08
C SER B 101 -1.69 -0.98 40.17
N ASP B 102 -1.13 -1.43 39.03
CA ASP B 102 0.12 -2.13 39.21
C ASP B 102 1.31 -1.25 38.85
N PRO B 103 2.44 -1.40 39.55
CA PRO B 103 2.59 -2.11 40.82
C PRO B 103 2.97 -1.17 41.97
N ASN B 104 2.89 0.14 41.73
CA ASN B 104 3.46 1.13 42.64
C ASN B 104 3.01 2.53 42.25
N ILE B 105 1.75 2.67 41.84
CA ILE B 105 1.22 3.95 41.36
C ILE B 105 -0.24 4.07 41.78
N THR B 106 -0.73 5.31 41.79
CA THR B 106 -2.11 5.60 42.17
C THR B 106 -2.66 6.74 41.32
N VAL B 107 -3.83 6.50 40.73
CA VAL B 107 -4.50 7.42 39.81
C VAL B 107 -5.86 7.78 40.39
N TYR B 108 -6.35 8.98 40.08
CA TYR B 108 -7.63 9.41 40.62
C TYR B 108 -8.59 9.77 39.49
N SER B 109 -9.77 10.29 39.88
CA SER B 109 -10.86 10.52 38.93
C SER B 109 -11.23 11.99 38.75
N SER B 110 -12.40 12.22 38.15
CA SER B 110 -12.94 13.52 37.76
C SER B 110 -11.96 14.43 37.03
N HIS B 111 -12.47 15.55 36.52
CA HIS B 111 -11.61 16.54 35.89
C HIS B 111 -10.69 17.16 36.93
N THR B 112 -9.40 17.19 36.60
CA THR B 112 -8.40 17.80 37.44
C THR B 112 -8.10 19.21 36.95
N ARG B 113 -7.57 20.03 37.85
CA ARG B 113 -7.18 21.39 37.49
C ARG B 113 -5.99 21.78 38.35
N PHE B 114 -5.04 22.49 37.73
CA PHE B 114 -3.94 23.07 38.47
C PHE B 114 -4.42 23.97 39.60
N GLY B 115 -3.62 24.02 40.66
CA GLY B 115 -3.86 24.88 41.78
C GLY B 115 -2.66 25.77 42.02
N PRO B 116 -2.79 26.73 42.92
CA PRO B 116 -1.66 27.62 43.22
C PRO B 116 -0.44 26.83 43.69
N LYS B 117 0.72 27.20 43.17
CA LYS B 117 1.97 26.55 43.55
C LYS B 117 2.19 26.66 45.05
N THR B 118 2.79 25.62 45.63
CA THR B 118 3.17 25.65 47.03
C THR B 118 4.33 26.62 47.23
N ASP B 119 4.56 26.98 48.49
CA ASP B 119 5.64 27.92 48.81
C ASP B 119 7.01 27.38 48.38
N ASP B 120 7.17 26.06 48.34
CA ASP B 120 8.42 25.46 47.90
C ASP B 120 8.43 25.18 46.38
N GLY B 121 7.47 25.74 45.64
CA GLY B 121 7.50 25.72 44.19
C GLY B 121 6.90 24.52 43.53
N ARG B 122 6.27 23.62 44.28
CA ARG B 122 5.74 22.40 43.71
C ARG B 122 4.36 22.64 43.12
N TYR B 123 4.00 21.80 42.14
CA TYR B 123 2.73 21.97 41.42
C TYR B 123 1.57 21.34 42.18
N THR B 124 0.54 22.14 42.43
CA THR B 124 -0.69 21.68 43.04
C THR B 124 -1.70 21.35 41.96
N LEU B 125 -2.37 20.22 42.12
CA LEU B 125 -3.40 19.76 41.18
C LEU B 125 -4.68 19.48 41.95
N ARG B 126 -5.80 19.96 41.41
CA ARG B 126 -7.10 19.83 42.06
C ARG B 126 -8.03 18.99 41.21
N THR B 127 -8.42 17.84 41.75
CA THR B 127 -9.57 17.09 41.30
C THR B 127 -10.78 17.53 42.11
N GLU B 128 -11.90 17.78 41.44
CA GLU B 128 -13.19 17.92 42.10
C GLU B 128 -13.54 16.62 42.81
N SER B 129 -12.60 15.69 42.90
CA SER B 129 -12.79 14.35 43.49
C SER B 129 -12.46 14.34 44.98
N GLY B 130 -12.96 15.33 45.72
CA GLY B 130 -12.68 15.46 47.14
C GLY B 130 -11.22 15.53 47.51
N GLU B 131 -10.42 14.54 47.12
CA GLU B 131 -9.02 14.52 47.51
C GLU B 131 -8.18 15.46 46.64
N GLU B 132 -7.08 15.94 47.21
CA GLU B 132 -6.12 16.79 46.54
C GLU B 132 -4.69 16.35 46.83
N PHE B 133 -3.86 16.39 45.79
CA PHE B 133 -2.46 16.03 45.91
C PHE B 133 -1.64 16.87 44.95
N THR B 134 -0.42 17.18 45.36
CA THR B 134 0.53 17.90 44.53
C THR B 134 1.56 16.91 43.96
N SER B 135 2.55 17.44 43.26
CA SER B 135 3.63 16.62 42.72
C SER B 135 4.82 17.52 42.38
N ASP B 136 5.79 16.94 41.67
CA ASP B 136 6.98 17.65 41.24
C ASP B 136 6.96 18.00 39.76
N GLN B 137 6.46 17.08 38.92
CA GLN B 137 6.37 17.27 37.48
C GLN B 137 5.05 16.71 37.00
N VAL B 138 4.40 17.38 36.05
CA VAL B 138 3.12 16.92 35.54
C VAL B 138 3.04 17.13 34.02
N VAL B 139 2.62 16.09 33.32
CA VAL B 139 2.43 16.12 31.88
C VAL B 139 0.93 16.21 31.60
N ILE B 140 0.58 16.98 30.58
CA ILE B 140 -0.82 17.23 30.22
C ILE B 140 -1.04 16.62 28.86
N ALA B 141 -1.91 15.62 28.79
CA ALA B 141 -2.30 15.02 27.51
C ALA B 141 -3.66 15.52 27.06
N ALA B 142 -4.69 15.33 27.91
CA ALA B 142 -6.01 15.92 27.76
C ALA B 142 -6.57 15.88 26.34
N GLY B 143 -5.96 15.08 25.46
CA GLY B 143 -6.40 14.92 24.08
C GLY B 143 -6.94 16.16 23.42
N SER B 144 -8.08 16.02 22.75
CA SER B 144 -8.81 17.14 22.19
C SER B 144 -10.29 16.87 22.45
N ARG B 145 -11.10 17.92 22.33
CA ARG B 145 -12.52 17.81 22.63
C ARG B 145 -13.33 18.31 21.45
N THR B 146 -14.34 17.54 21.06
CA THR B 146 -15.17 17.94 19.94
C THR B 146 -15.93 19.21 20.28
N TYR B 147 -16.24 20.01 19.27
CA TYR B 147 -16.85 21.31 19.46
C TYR B 147 -18.11 21.40 18.62
N ILE B 148 -19.20 21.82 19.24
CA ILE B 148 -20.47 22.02 18.56
C ILE B 148 -20.74 23.53 18.48
N PRO B 149 -21.14 24.04 17.33
CA PRO B 149 -21.43 25.48 17.21
C PRO B 149 -22.64 25.86 18.04
N PRO B 150 -22.86 27.17 18.28
CA PRO B 150 -24.07 27.60 19.00
C PRO B 150 -25.36 27.12 18.33
N ALA B 151 -25.22 26.60 17.11
CA ALA B 151 -26.37 26.11 16.35
C ALA B 151 -27.15 25.01 17.09
N VAL B 152 -26.53 24.37 18.08
CA VAL B 152 -27.21 23.29 18.80
C VAL B 152 -27.89 23.80 20.07
N VAL B 153 -27.39 24.89 20.67
CA VAL B 153 -28.00 25.44 21.87
C VAL B 153 -29.25 26.25 21.55
N ASP B 154 -29.65 26.30 20.28
CA ASP B 154 -30.87 26.99 19.87
C ASP B 154 -31.98 26.01 19.48
N CYS B 155 -31.92 24.78 19.98
CA CYS B 155 -32.87 23.76 19.55
C CYS B 155 -33.01 22.62 20.54
N GLY B 156 -31.95 21.87 20.76
CA GLY B 156 -32.01 20.67 21.56
C GLY B 156 -32.24 19.40 20.77
N VAL B 157 -32.08 19.44 19.45
CA VAL B 157 -32.19 18.22 18.64
C VAL B 157 -31.02 17.29 18.98
N LYS B 158 -31.28 15.99 18.90
CA LYS B 158 -30.25 15.02 19.27
C LYS B 158 -29.12 15.06 18.25
N TYR B 159 -27.90 15.26 18.73
CA TYR B 159 -26.74 15.46 17.89
C TYR B 159 -25.70 14.40 18.19
N HIS B 160 -24.87 14.11 17.19
CA HIS B 160 -23.88 13.05 17.29
C HIS B 160 -22.56 13.50 16.70
N THR B 161 -21.47 13.14 17.36
CA THR B 161 -20.12 13.39 16.88
C THR B 161 -19.41 12.05 16.68
N SER B 162 -18.09 12.12 16.51
CA SER B 162 -17.30 10.89 16.44
C SER B 162 -17.38 10.07 17.73
N ASP B 163 -17.80 10.68 18.84
CA ASP B 163 -17.81 9.98 20.12
C ASP B 163 -18.87 8.88 20.16
N ASP B 164 -20.03 9.11 19.53
CA ASP B 164 -21.22 8.29 19.78
C ASP B 164 -21.95 7.79 18.53
N ILE B 165 -21.84 8.46 17.39
CA ILE B 165 -22.67 8.09 16.25
C ILE B 165 -22.36 6.68 15.74
N MET B 166 -21.17 6.16 16.07
CA MET B 166 -20.87 4.78 15.74
C MET B 166 -21.59 3.79 16.65
N ARG B 167 -22.15 4.27 17.77
CA ARG B 167 -22.86 3.41 18.71
C ARG B 167 -24.34 3.80 18.78
N ILE B 168 -24.87 4.36 17.70
CA ILE B 168 -26.30 4.66 17.61
C ILE B 168 -27.07 3.34 17.47
N PRO B 169 -28.21 3.16 18.14
CA PRO B 169 -28.85 1.84 18.15
C PRO B 169 -29.23 1.32 16.76
N GLU B 170 -29.67 2.20 15.85
CA GLU B 170 -30.11 1.75 14.54
C GLU B 170 -29.39 2.54 13.45
N LEU B 171 -29.39 1.96 12.25
CA LEU B 171 -28.86 2.62 11.07
C LEU B 171 -29.97 3.44 10.42
N PRO B 172 -29.81 4.75 10.27
CA PRO B 172 -30.90 5.57 9.71
C PRO B 172 -31.25 5.18 8.29
N THR B 173 -32.46 5.55 7.89
CA THR B 173 -32.91 5.39 6.51
C THR B 173 -32.50 6.58 5.64
N ASP B 174 -32.41 7.76 6.23
CA ASP B 174 -31.93 8.96 5.55
C ASP B 174 -31.24 9.82 6.60
N LEU B 175 -29.99 10.20 6.33
CA LEU B 175 -29.14 10.83 7.33
C LEU B 175 -28.67 12.20 6.86
N VAL B 176 -28.57 13.14 7.81
CA VAL B 176 -27.96 14.45 7.59
C VAL B 176 -26.63 14.48 8.32
N ILE B 177 -25.65 15.13 7.71
CA ILE B 177 -24.30 15.26 8.27
C ILE B 177 -23.84 16.71 8.10
N ILE B 178 -23.31 17.30 9.17
CA ILE B 178 -22.81 18.66 9.12
C ILE B 178 -21.37 18.70 9.61
N GLY B 179 -20.62 19.68 9.09
CA GLY B 179 -19.23 19.95 9.46
C GLY B 179 -18.26 19.75 8.31
N GLY B 180 -17.47 20.78 8.04
CA GLY B 180 -16.47 20.75 7.00
C GLY B 180 -15.09 21.16 7.50
N GLY B 181 -14.99 21.50 8.78
CA GLY B 181 -13.74 21.96 9.34
C GLY B 181 -12.70 20.88 9.38
N PHE B 182 -12.43 20.33 10.57
CA PHE B 182 -11.56 19.17 10.70
C PHE B 182 -11.97 18.07 9.73
N VAL B 183 -11.04 17.19 9.37
CA VAL B 183 -11.28 16.20 8.33
C VAL B 183 -12.32 15.19 8.80
N SER B 184 -13.59 15.57 8.67
CA SER B 184 -14.69 14.84 9.27
C SER B 184 -15.48 13.96 8.28
N ALA B 185 -15.37 14.19 6.98
CA ALA B 185 -16.31 13.58 6.05
C ALA B 185 -16.06 12.09 5.81
N GLU B 186 -15.51 11.41 6.81
CA GLU B 186 -15.34 9.96 6.73
C GLU B 186 -16.69 9.26 6.85
N PHE B 187 -17.49 9.70 7.82
CA PHE B 187 -18.77 9.05 8.08
C PHE B 187 -19.71 9.14 6.89
N ALA B 188 -19.56 10.17 6.04
CA ALA B 188 -20.35 10.23 4.82
C ALA B 188 -20.21 8.96 4.01
N HIS B 189 -18.97 8.61 3.64
CA HIS B 189 -18.73 7.36 2.93
C HIS B 189 -19.13 6.16 3.77
N VAL B 190 -18.72 6.15 5.04
CA VAL B 190 -18.96 4.99 5.90
C VAL B 190 -20.44 4.63 5.92
N PHE B 191 -21.31 5.62 6.02
CA PHE B 191 -22.74 5.37 6.08
C PHE B 191 -23.35 5.15 4.70
N SER B 192 -23.01 6.00 3.72
CA SER B 192 -23.58 5.87 2.39
C SER B 192 -23.28 4.50 1.78
N ALA B 193 -22.14 3.90 2.14
CA ALA B 193 -21.88 2.54 1.68
C ALA B 193 -22.86 1.55 2.28
N LEU B 194 -23.44 1.86 3.44
CA LEU B 194 -24.37 0.96 4.13
C LEU B 194 -25.83 1.34 3.87
N GLY B 195 -26.12 1.93 2.72
CA GLY B 195 -27.49 2.15 2.29
C GLY B 195 -28.25 3.22 3.06
N VAL B 196 -27.67 4.40 3.19
CA VAL B 196 -28.37 5.55 3.76
C VAL B 196 -27.93 6.80 3.02
N HIS B 197 -28.89 7.61 2.60
CA HIS B 197 -28.60 8.88 1.95
C HIS B 197 -28.08 9.86 3.00
N VAL B 198 -26.89 10.40 2.77
CA VAL B 198 -26.28 11.36 3.69
C VAL B 198 -26.39 12.75 3.07
N THR B 199 -26.65 13.74 3.91
CA THR B 199 -26.88 15.11 3.48
C THR B 199 -25.83 15.99 4.14
N ILE B 200 -24.79 16.34 3.39
CA ILE B 200 -23.69 17.13 3.93
C ILE B 200 -24.08 18.60 3.92
N VAL B 201 -23.94 19.26 5.06
CA VAL B 201 -24.20 20.70 5.19
C VAL B 201 -22.96 21.34 5.81
N VAL B 202 -22.17 22.03 4.99
CA VAL B 202 -20.91 22.62 5.42
C VAL B 202 -21.17 24.04 5.93
N ARG B 203 -20.10 24.73 6.33
CA ARG B 203 -20.20 26.12 6.77
C ARG B 203 -19.38 27.08 5.91
N GLY B 204 -18.68 26.59 4.88
CA GLY B 204 -17.80 27.42 4.09
C GLY B 204 -18.22 27.56 2.65
N ASP B 205 -17.70 26.70 1.78
CA ASP B 205 -18.07 26.73 0.36
C ASP B 205 -18.25 25.32 -0.18
N GLY B 206 -17.26 24.45 0.05
CA GLY B 206 -17.36 23.06 -0.33
C GLY B 206 -17.03 22.14 0.84
N LEU B 207 -16.87 20.85 0.59
CA LEU B 207 -16.45 19.95 1.65
C LEU B 207 -14.98 20.15 1.95
N LEU B 208 -14.66 20.22 3.25
CA LEU B 208 -13.28 20.27 3.74
C LEU B 208 -12.42 21.23 2.94
N THR B 209 -12.70 22.53 3.05
CA THR B 209 -11.99 23.55 2.29
C THR B 209 -10.58 23.79 2.82
N HIS B 210 -10.09 22.97 3.74
CA HIS B 210 -8.73 23.10 4.25
C HIS B 210 -7.89 21.89 3.83
N CYS B 211 -7.78 21.66 2.53
CA CYS B 211 -6.93 20.62 1.98
C CYS B 211 -6.35 21.13 0.67
N ASP B 212 -5.89 20.22 -0.18
CA ASP B 212 -5.28 20.61 -1.45
C ASP B 212 -6.35 21.15 -2.40
N GLU B 213 -5.99 22.19 -3.14
CA GLU B 213 -6.95 22.85 -4.03
C GLU B 213 -7.41 21.90 -5.14
N THR B 214 -6.45 21.40 -5.94
CA THR B 214 -6.75 20.48 -7.03
C THR B 214 -7.07 19.08 -6.54
N ILE B 215 -7.24 18.89 -5.23
CA ILE B 215 -7.79 17.66 -4.68
C ILE B 215 -9.17 17.89 -4.07
N CYS B 216 -9.36 19.00 -3.34
CA CYS B 216 -10.70 19.40 -2.96
C CYS B 216 -11.60 19.48 -4.19
N HIS B 217 -11.07 19.99 -5.29
CA HIS B 217 -11.83 20.11 -6.54
C HIS B 217 -12.36 18.75 -6.99
N ARG B 218 -11.46 17.82 -7.30
CA ARG B 218 -11.85 16.52 -7.85
C ARG B 218 -12.34 15.55 -6.79
N PHE B 219 -12.39 15.95 -5.51
CA PHE B 219 -13.10 15.15 -4.53
C PHE B 219 -14.54 15.63 -4.34
N ASN B 220 -14.74 16.95 -4.30
CA ASN B 220 -16.10 17.49 -4.36
C ASN B 220 -16.82 17.04 -5.62
N GLU B 221 -16.12 17.01 -6.75
CA GLU B 221 -16.79 16.67 -8.00
C GLU B 221 -16.89 15.15 -8.21
N ILE B 222 -16.92 14.39 -7.11
CA ILE B 222 -17.38 13.00 -7.11
C ILE B 222 -18.29 12.82 -5.91
N ALA B 223 -18.04 13.59 -4.85
CA ALA B 223 -18.92 13.56 -3.69
C ALA B 223 -20.28 14.16 -4.03
N ALA B 224 -20.33 15.07 -5.01
CA ALA B 224 -21.61 15.58 -5.47
C ALA B 224 -22.47 14.48 -6.08
N THR B 225 -21.84 13.51 -6.73
CA THR B 225 -22.58 12.43 -7.38
C THR B 225 -22.85 11.25 -6.45
N LYS B 226 -21.99 11.00 -5.47
CA LYS B 226 -22.27 9.88 -4.56
C LYS B 226 -23.13 10.29 -3.36
N TRP B 227 -22.85 11.43 -2.76
CA TRP B 227 -23.58 11.92 -1.61
C TRP B 227 -24.34 13.20 -1.95
N ASP B 228 -25.35 13.51 -1.14
CA ASP B 228 -26.09 14.76 -1.27
C ASP B 228 -25.31 15.84 -0.54
N ILE B 229 -24.62 16.68 -1.30
CA ILE B 229 -23.77 17.73 -0.74
C ILE B 229 -24.54 19.06 -0.81
N ARG B 230 -25.03 19.51 0.34
CA ARG B 230 -25.53 20.88 0.45
C ARG B 230 -24.37 21.82 0.72
N THR B 231 -24.27 22.88 -0.07
CA THR B 231 -23.17 23.83 0.07
C THR B 231 -23.41 24.70 1.30
N HIS B 232 -22.53 25.69 1.50
CA HIS B 232 -22.48 26.63 2.64
C HIS B 232 -23.73 26.63 3.52
N GLU B 233 -24.56 27.65 3.40
CA GLU B 233 -25.89 27.69 4.02
C GLU B 233 -25.83 27.33 5.51
N ASN B 234 -25.34 28.30 6.30
CA ASN B 234 -25.18 28.08 7.73
C ASN B 234 -26.55 27.87 8.39
N VAL B 235 -26.69 26.73 9.07
CA VAL B 235 -27.98 26.32 9.60
C VAL B 235 -28.49 27.25 10.69
N ILE B 236 -27.61 27.66 11.62
CA ILE B 236 -28.02 28.37 12.82
C ILE B 236 -29.04 27.51 13.57
N GLY B 237 -30.30 27.94 13.63
CA GLY B 237 -31.25 27.28 14.51
C GLY B 237 -31.82 25.99 13.94
N SER B 238 -32.38 25.19 14.84
CA SER B 238 -32.97 23.90 14.50
C SER B 238 -34.24 23.70 15.32
N HIS B 239 -35.13 22.84 14.82
CA HIS B 239 -36.30 22.39 15.59
C HIS B 239 -36.59 20.95 15.23
N GLN B 240 -36.57 20.06 16.23
CA GLN B 240 -36.88 18.66 15.98
C GLN B 240 -38.37 18.48 15.70
N ASP B 241 -38.69 17.60 14.75
CA ASP B 241 -40.06 17.37 14.30
C ASP B 241 -40.32 15.86 14.23
N GLY B 242 -40.43 15.23 15.40
CA GLY B 242 -40.63 13.79 15.47
C GLY B 242 -39.37 12.98 15.24
N ASP B 243 -39.49 11.93 14.43
CA ASP B 243 -38.31 11.14 14.06
C ASP B 243 -37.41 11.93 13.11
N ARG B 244 -37.92 12.26 11.93
CA ARG B 244 -37.15 13.00 10.95
C ARG B 244 -36.93 14.44 11.43
N ILE B 245 -35.68 14.83 11.57
CA ILE B 245 -35.32 16.16 12.07
C ILE B 245 -35.24 17.13 10.90
N VAL B 246 -35.78 18.32 11.10
CA VAL B 246 -35.79 19.37 10.09
C VAL B 246 -35.12 20.60 10.68
N LEU B 247 -34.04 21.05 10.03
CA LEU B 247 -33.38 22.28 10.41
C LEU B 247 -33.91 23.45 9.58
N GLU B 248 -33.95 24.62 10.19
CA GLU B 248 -34.39 25.84 9.52
C GLU B 248 -33.18 26.62 9.06
N LEU B 249 -33.13 26.95 7.77
CA LEU B 249 -31.99 27.63 7.18
C LEU B 249 -32.30 29.11 6.97
N ASP B 250 -31.23 29.92 6.95
CA ASP B 250 -31.38 31.36 6.77
C ASP B 250 -31.97 31.68 5.41
N ASP B 251 -31.78 30.81 4.42
CA ASP B 251 -32.29 31.01 3.08
C ASP B 251 -33.52 30.16 2.78
N GLY B 252 -34.15 29.58 3.81
CA GLY B 252 -35.37 28.83 3.64
C GLY B 252 -35.21 27.35 3.43
N LYS B 253 -34.06 26.88 2.95
CA LYS B 253 -33.88 25.48 2.63
C LYS B 253 -33.92 24.58 3.87
N THR B 254 -35.12 24.18 4.29
CA THR B 254 -35.22 23.25 5.41
C THR B 254 -34.81 21.86 4.95
N VAL B 255 -33.90 21.22 5.69
CA VAL B 255 -33.37 19.92 5.33
C VAL B 255 -33.96 18.88 6.28
N ALA B 256 -34.23 17.69 5.75
CA ALA B 256 -34.90 16.65 6.53
C ALA B 256 -34.14 15.34 6.42
N ALA B 257 -34.09 14.61 7.53
CA ALA B 257 -33.49 13.28 7.60
C ALA B 257 -33.79 12.71 8.98
N ASP B 258 -33.58 11.40 9.12
CA ASP B 258 -33.85 10.72 10.38
C ASP B 258 -32.86 11.15 11.45
N THR B 259 -31.64 10.62 11.38
CA THR B 259 -30.63 10.89 12.40
C THR B 259 -29.77 12.08 12.00
N LEU B 260 -29.07 12.63 12.99
CA LEU B 260 -28.20 13.80 12.84
C LEU B 260 -26.74 13.41 13.03
N LEU B 261 -25.86 14.35 12.68
CA LEU B 261 -24.44 14.23 12.95
C LEU B 261 -23.88 15.64 13.10
N VAL B 262 -22.85 15.77 13.94
CA VAL B 262 -22.21 17.05 14.21
C VAL B 262 -20.71 16.81 14.34
N ALA B 263 -19.95 17.07 13.27
CA ALA B 263 -18.50 16.97 13.27
C ALA B 263 -17.95 18.18 12.53
N THR B 264 -18.07 19.35 13.17
CA THR B 264 -17.50 20.56 12.59
C THR B 264 -16.04 20.78 12.97
N GLY B 265 -15.61 20.30 14.13
CA GLY B 265 -14.22 20.42 14.50
C GLY B 265 -13.96 20.03 15.93
N ARG B 266 -12.69 20.08 16.29
CA ARG B 266 -12.23 19.82 17.65
C ARG B 266 -11.43 21.03 18.13
N VAL B 267 -11.28 21.11 19.45
CA VAL B 267 -10.50 22.18 20.08
C VAL B 267 -9.66 21.60 21.21
N PRO B 268 -8.48 22.16 21.43
CA PRO B 268 -7.63 21.69 22.54
C PRO B 268 -8.24 22.03 23.89
N ASN B 269 -7.71 21.38 24.92
CA ASN B 269 -8.31 21.37 26.26
C ASN B 269 -7.35 21.97 27.28
N GLY B 270 -7.06 23.26 27.14
CA GLY B 270 -6.24 23.94 28.13
C GLY B 270 -7.03 24.84 29.06
N ASP B 271 -8.18 25.30 28.57
CA ASP B 271 -8.99 26.26 29.32
C ASP B 271 -9.52 25.68 30.63
N LEU B 272 -10.12 24.48 30.57
CA LEU B 272 -10.78 23.90 31.74
C LEU B 272 -9.83 23.57 32.89
N LEU B 273 -8.52 23.66 32.70
CA LEU B 273 -7.60 23.30 33.76
C LEU B 273 -7.32 24.44 34.73
N ASP B 274 -7.69 25.67 34.39
CA ASP B 274 -7.35 26.86 35.17
C ASP B 274 -5.87 26.85 35.56
N ALA B 275 -5.04 26.31 34.67
CA ALA B 275 -3.59 26.28 34.85
C ALA B 275 -2.98 27.67 34.85
N GLU B 276 -3.76 28.69 34.49
CA GLU B 276 -3.38 30.09 34.55
C GLU B 276 -2.72 30.47 35.87
N LEU B 277 -3.14 29.83 36.96
CA LEU B 277 -2.53 30.12 38.26
C LEU B 277 -1.12 29.55 38.36
N ALA B 278 -0.93 28.33 37.87
CA ALA B 278 0.37 27.66 37.95
C ALA B 278 1.32 28.15 36.87
N GLY B 279 1.12 29.37 36.38
CA GLY B 279 1.99 29.99 35.40
C GLY B 279 2.23 29.27 34.10
N VAL B 280 1.18 29.01 33.32
CA VAL B 280 1.30 28.54 31.95
C VAL B 280 0.30 29.31 31.11
N GLU B 281 0.76 29.81 29.97
CA GLU B 281 -0.10 30.61 29.10
C GLU B 281 -1.01 29.72 28.27
N VAL B 282 -2.29 30.07 28.25
CA VAL B 282 -3.29 29.42 27.41
C VAL B 282 -3.63 30.40 26.29
N ASP B 283 -3.05 30.17 25.11
CA ASP B 283 -3.25 31.05 23.97
C ASP B 283 -4.73 31.12 23.56
N GLU B 284 -5.02 32.10 22.71
CA GLU B 284 -6.35 32.37 22.14
C GLU B 284 -7.19 31.13 21.86
N ASP B 285 -6.59 30.09 21.29
CA ASP B 285 -7.35 28.90 20.92
C ASP B 285 -7.97 28.21 22.14
N GLY B 286 -7.35 28.36 23.31
CA GLY B 286 -7.51 27.43 24.40
C GLY B 286 -6.44 26.37 24.42
N ARG B 287 -5.49 26.43 23.50
CA ARG B 287 -4.42 25.46 23.35
C ARG B 287 -3.43 25.59 24.51
N VAL B 288 -2.48 24.66 24.57
CA VAL B 288 -1.39 24.70 25.52
C VAL B 288 -0.11 25.02 24.76
N ILE B 289 0.61 26.04 25.19
CA ILE B 289 1.77 26.50 24.44
C ILE B 289 2.97 25.61 24.76
N VAL B 290 3.65 25.14 23.70
CA VAL B 290 4.92 24.45 23.82
C VAL B 290 5.83 24.92 22.69
N ASP B 291 6.93 24.22 22.48
CA ASP B 291 7.86 24.57 21.41
C ASP B 291 8.48 23.33 20.78
N GLN B 292 9.76 23.43 20.39
CA GLN B 292 10.44 22.30 19.75
C GLN B 292 10.50 21.10 20.69
N TYR B 293 10.91 21.33 21.94
CA TYR B 293 11.09 20.28 22.94
C TYR B 293 9.83 19.99 23.71
N GLN B 294 8.67 20.38 23.19
CA GLN B 294 7.39 20.28 23.92
C GLN B 294 7.48 20.96 25.28
N ARG B 295 8.30 22.00 25.37
CA ARG B 295 8.51 22.73 26.62
C ARG B 295 7.49 23.86 26.72
N THR B 296 6.67 23.83 27.77
CA THR B 296 5.72 24.90 28.02
C THR B 296 6.41 26.05 28.74
N THR B 297 5.68 26.77 29.60
CA THR B 297 6.26 27.90 30.31
C THR B 297 6.59 27.61 31.76
N ALA B 298 5.99 26.58 32.35
CA ALA B 298 6.35 26.15 33.70
C ALA B 298 7.25 24.93 33.63
N ARG B 299 8.06 24.76 34.67
CA ARG B 299 9.13 23.79 34.67
C ARG B 299 8.63 22.43 35.14
N GLY B 300 9.23 21.37 34.59
CA GLY B 300 8.86 20.01 34.93
C GLY B 300 7.50 19.61 34.39
N VAL B 301 6.69 20.59 34.03
CA VAL B 301 5.37 20.32 33.46
C VAL B 301 5.48 20.45 31.96
N PHE B 302 4.72 19.63 31.26
CA PHE B 302 4.76 19.63 29.80
C PHE B 302 3.37 19.32 29.26
N ALA B 303 3.25 19.36 27.93
CA ALA B 303 2.05 18.92 27.27
C ALA B 303 2.43 18.34 25.90
N LEU B 304 1.52 17.52 25.36
CA LEU B 304 1.77 16.86 24.09
C LEU B 304 0.48 16.80 23.30
N GLY B 305 0.58 16.34 22.06
CA GLY B 305 -0.60 16.10 21.27
C GLY B 305 -1.45 17.32 20.93
N ASP B 306 -2.62 17.01 20.39
CA ASP B 306 -3.57 18.01 19.92
C ASP B 306 -3.88 19.06 20.98
N VAL B 307 -3.77 18.72 22.26
CA VAL B 307 -4.05 19.68 23.33
C VAL B 307 -3.09 20.85 23.29
N SER B 308 -1.96 20.70 22.61
CA SER B 308 -0.91 21.71 22.66
C SER B 308 -0.28 21.94 21.29
N SER B 309 -0.13 20.87 20.52
CA SER B 309 0.49 20.95 19.21
C SER B 309 -0.40 21.71 18.23
N ASP B 310 0.12 21.90 17.02
CA ASP B 310 -0.65 22.44 15.90
C ASP B 310 -1.21 21.36 14.99
N TYR B 311 -1.13 20.09 15.39
CA TYR B 311 -1.71 18.98 14.63
C TYR B 311 -2.55 18.11 15.54
N GLN B 312 -3.81 17.89 15.16
CA GLN B 312 -4.77 17.15 15.98
C GLN B 312 -4.80 15.67 15.61
N LEU B 313 -3.63 15.04 15.68
CA LEU B 313 -3.47 13.65 15.27
C LEU B 313 -2.72 12.87 16.35
N LYS B 314 -2.83 11.55 16.30
CA LYS B 314 -2.26 10.69 17.33
C LYS B 314 -0.81 10.30 17.06
N HIS B 315 -0.37 10.28 15.80
CA HIS B 315 1.03 9.96 15.52
C HIS B 315 1.94 11.09 15.97
N VAL B 316 1.58 12.33 15.65
CA VAL B 316 2.34 13.47 16.17
C VAL B 316 2.24 13.51 17.69
N ALA B 317 1.09 13.13 18.25
CA ALA B 317 0.96 13.07 19.70
C ALA B 317 1.91 12.03 20.30
N ASN B 318 2.12 10.91 19.60
CA ASN B 318 3.00 9.88 20.11
C ASN B 318 4.46 10.29 19.98
N HIS B 319 4.82 11.01 18.93
CA HIS B 319 6.19 11.53 18.83
C HIS B 319 6.45 12.58 19.90
N GLU B 320 5.47 13.45 20.16
CA GLU B 320 5.63 14.43 21.22
C GLU B 320 5.71 13.76 22.59
N ALA B 321 4.93 12.70 22.80
CA ALA B 321 5.06 11.91 24.01
C ALA B 321 6.42 11.22 24.09
N ARG B 322 6.96 10.82 22.94
CA ARG B 322 8.28 10.23 22.89
C ARG B 322 9.32 11.19 23.44
N VAL B 323 9.31 12.43 22.95
CA VAL B 323 10.29 13.39 23.46
C VAL B 323 9.96 13.78 24.90
N VAL B 324 8.68 13.80 25.27
CA VAL B 324 8.27 14.19 26.62
C VAL B 324 8.77 13.19 27.65
N LYS B 325 8.50 11.90 27.44
CA LYS B 325 8.88 10.87 28.40
C LYS B 325 10.37 10.85 28.67
N GLU B 326 11.17 11.49 27.81
CA GLU B 326 12.60 11.61 28.01
C GLU B 326 13.00 12.96 28.60
N ASN B 327 12.27 14.03 28.27
CA ASN B 327 12.64 15.37 28.71
C ASN B 327 12.25 15.67 30.15
N LEU B 328 11.42 14.83 30.79
CA LEU B 328 11.14 15.05 32.21
C LEU B 328 12.33 14.73 33.11
N LEU B 329 13.46 14.32 32.54
CA LEU B 329 14.67 14.01 33.29
C LEU B 329 15.85 14.87 32.89
N ARG B 330 16.01 15.18 31.61
CA ARG B 330 17.07 16.08 31.14
C ARG B 330 16.61 17.51 31.33
N ASP B 331 16.93 18.08 32.49
CA ASP B 331 16.49 19.41 32.87
C ASP B 331 16.80 20.46 31.81
N TRP B 332 16.10 21.59 31.86
CA TRP B 332 16.14 22.63 30.85
C TRP B 332 17.53 23.18 30.54
N ASP B 333 18.56 22.71 31.26
CA ASP B 333 19.91 23.23 31.08
C ASP B 333 20.39 23.05 29.65
N ASP B 334 20.75 21.83 29.27
CA ASP B 334 21.28 21.58 27.93
C ASP B 334 20.13 21.51 26.94
N THR B 335 19.85 22.65 26.30
CA THR B 335 18.84 22.72 25.25
C THR B 335 19.24 21.93 24.00
N ALA B 336 20.52 21.57 23.87
CA ALA B 336 20.94 20.77 22.72
C ALA B 336 20.71 19.28 22.96
N SER B 337 20.90 18.80 24.19
CA SER B 337 20.62 17.41 24.52
C SER B 337 19.28 17.24 25.20
N LEU B 338 18.46 18.30 25.22
CA LEU B 338 17.08 18.22 25.69
C LEU B 338 16.16 17.62 24.64
N VAL B 339 16.69 17.35 23.44
CA VAL B 339 16.09 16.72 22.26
C VAL B 339 14.72 17.29 21.89
N ALA B 340 14.54 17.56 20.60
CA ALA B 340 13.35 18.20 20.09
C ALA B 340 12.53 17.24 19.23
N SER B 341 11.24 17.54 19.15
CA SER B 341 10.33 16.77 18.30
C SER B 341 10.57 17.10 16.82
N ASP B 342 10.11 16.21 15.96
CA ASP B 342 10.13 16.45 14.52
C ASP B 342 8.79 17.07 14.15
N HIS B 343 8.78 18.40 13.98
CA HIS B 343 7.58 19.13 13.60
C HIS B 343 7.68 19.74 12.21
N ARG B 344 8.41 19.09 11.31
CA ARG B 344 8.34 19.41 9.89
C ARG B 344 7.14 18.68 9.31
N PHE B 345 7.24 18.15 8.10
CA PHE B 345 6.24 17.27 7.50
C PHE B 345 5.45 16.45 8.52
N VAL B 346 4.13 16.45 8.40
CA VAL B 346 3.32 15.49 9.13
C VAL B 346 2.32 14.89 8.14
N PRO B 347 2.02 13.60 8.23
CA PRO B 347 1.01 13.00 7.37
C PRO B 347 -0.37 13.03 8.00
N SER B 348 -1.37 13.29 7.15
CA SER B 348 -2.77 13.16 7.52
C SER B 348 -3.44 12.15 6.60
N ALA B 349 -4.42 11.43 7.13
CA ALA B 349 -5.14 10.44 6.35
C ALA B 349 -6.61 10.54 6.69
N VAL B 350 -7.43 10.76 5.66
CA VAL B 350 -8.89 10.79 5.80
C VAL B 350 -9.43 9.58 5.06
N PHE B 351 -10.07 8.68 5.81
CA PHE B 351 -10.57 7.42 5.26
C PHE B 351 -12.00 7.63 4.82
N THR B 352 -12.19 7.92 3.54
CA THR B 352 -13.50 8.10 2.95
C THR B 352 -13.58 7.29 1.67
N ASP B 353 -14.43 7.68 0.73
CA ASP B 353 -14.56 6.96 -0.53
C ASP B 353 -14.15 7.87 -1.70
N PRO B 354 -12.96 7.67 -2.28
CA PRO B 354 -11.91 6.73 -1.85
C PRO B 354 -11.05 7.32 -0.75
N GLN B 355 -10.04 6.62 -0.25
CA GLN B 355 -9.21 7.18 0.82
C GLN B 355 -8.40 8.36 0.29
N VAL B 356 -7.87 9.15 1.23
CA VAL B 356 -6.97 10.25 0.86
C VAL B 356 -5.91 10.39 1.94
N ALA B 357 -4.69 10.74 1.50
CA ALA B 357 -3.56 10.88 2.40
C ALA B 357 -2.66 11.99 1.90
N THR B 358 -2.32 12.92 2.80
CA THR B 358 -1.49 14.07 2.48
C THR B 358 -0.27 14.09 3.38
N VAL B 359 0.77 14.77 2.91
CA VAL B 359 2.01 14.92 3.65
C VAL B 359 2.69 16.19 3.17
N GLY B 360 3.37 16.88 4.09
CA GLY B 360 4.13 18.05 3.70
C GLY B 360 3.24 19.22 3.36
N LEU B 361 3.67 20.00 2.37
CA LEU B 361 3.02 21.24 1.97
C LEU B 361 2.27 21.04 0.66
N THR B 362 1.21 21.81 0.48
CA THR B 362 0.48 21.78 -0.79
C THR B 362 1.07 22.83 -1.74
N GLU B 363 0.54 22.88 -2.96
CA GLU B 363 1.08 23.76 -3.97
C GLU B 363 0.99 25.24 -3.57
N ALA B 364 -0.15 25.65 -3.00
CA ALA B 364 -0.30 27.03 -2.56
C ALA B 364 0.74 27.39 -1.50
N GLU B 365 0.96 26.49 -0.53
CA GLU B 365 1.92 26.77 0.53
C GLU B 365 3.32 26.91 -0.05
N ALA B 366 3.73 25.97 -0.90
CA ALA B 366 5.08 26.03 -1.47
C ALA B 366 5.25 27.23 -2.37
N ARG B 367 4.18 27.69 -3.02
CA ARG B 367 4.26 28.95 -3.76
C ARG B 367 4.43 30.13 -2.81
N ALA B 368 3.83 30.06 -1.63
CA ALA B 368 4.06 31.10 -0.62
C ALA B 368 5.46 31.03 -0.02
N ALA B 369 6.20 29.93 -0.25
CA ALA B 369 7.55 29.78 0.26
C ALA B 369 8.61 30.22 -0.75
N GLY B 370 8.22 30.59 -1.97
CA GLY B 370 9.11 31.23 -2.91
C GLY B 370 9.85 30.34 -3.88
N HIS B 371 9.60 29.04 -3.88
CA HIS B 371 10.26 28.15 -4.82
C HIS B 371 9.48 28.06 -6.13
N ASP B 372 10.19 28.00 -7.24
CA ASP B 372 9.58 27.59 -8.50
C ASP B 372 9.53 26.06 -8.52
N ILE B 373 8.40 25.52 -8.95
CA ILE B 373 8.06 24.14 -8.64
C ILE B 373 7.92 23.35 -9.94
N VAL B 374 8.20 22.05 -9.83
CA VAL B 374 7.96 21.09 -10.92
C VAL B 374 6.88 20.11 -10.45
N VAL B 375 5.64 20.57 -10.42
CA VAL B 375 4.52 19.72 -10.03
C VAL B 375 4.28 18.67 -11.10
N LYS B 376 3.94 17.45 -10.67
CA LYS B 376 3.48 16.42 -11.58
C LYS B 376 2.15 15.85 -11.10
N VAL B 377 1.36 15.41 -12.07
CA VAL B 377 0.08 14.74 -11.84
C VAL B 377 0.17 13.36 -12.48
N GLN B 378 0.05 12.32 -11.65
CA GLN B 378 0.23 10.96 -12.14
C GLN B 378 -1.04 10.36 -12.72
N ASN B 379 -2.21 10.80 -12.24
CA ASN B 379 -3.52 10.36 -12.75
C ASN B 379 -3.88 8.94 -12.34
N TYR B 380 -2.97 8.20 -11.71
CA TYR B 380 -3.28 6.90 -11.13
C TYR B 380 -3.82 5.92 -12.16
N GLY B 381 -3.57 6.18 -13.44
CA GLY B 381 -4.31 5.53 -14.51
C GLY B 381 -3.52 4.52 -15.32
N ASP B 382 -2.75 5.00 -16.28
CA ASP B 382 -2.08 4.11 -17.24
C ASP B 382 -1.13 3.14 -16.55
N THR B 383 -0.88 3.27 -15.26
CA THR B 383 -0.19 2.24 -14.52
C THR B 383 -0.99 0.95 -14.56
N ALA B 384 -0.35 -0.16 -14.18
CA ALA B 384 -1.00 -1.46 -14.31
C ALA B 384 -2.13 -1.67 -13.32
N TYR B 385 -2.14 -0.95 -12.20
CA TYR B 385 -3.29 -1.02 -11.29
C TYR B 385 -4.54 -0.47 -11.97
N GLY B 386 -4.54 0.82 -12.30
CA GLY B 386 -5.67 1.39 -13.02
C GLY B 386 -5.92 0.76 -14.36
N TRP B 387 -4.89 0.14 -14.95
CA TRP B 387 -5.07 -0.57 -16.21
C TRP B 387 -5.86 -1.86 -16.02
N ALA B 388 -5.69 -2.53 -14.88
CA ALA B 388 -6.47 -3.72 -14.56
C ALA B 388 -7.82 -3.41 -13.96
N MET B 389 -7.95 -2.27 -13.26
CA MET B 389 -9.16 -1.93 -12.52
C MET B 389 -10.01 -0.87 -13.20
N GLU B 390 -9.65 -0.38 -14.38
CA GLU B 390 -10.31 0.77 -15.00
C GLU B 390 -10.41 1.94 -14.02
N ASP B 391 -9.37 2.14 -13.22
CA ASP B 391 -9.37 3.20 -12.23
C ASP B 391 -9.23 4.55 -12.93
N THR B 392 -10.31 5.31 -12.96
CA THR B 392 -10.36 6.57 -13.69
C THR B 392 -10.13 7.81 -12.84
N THR B 393 -10.52 7.80 -11.56
CA THR B 393 -10.61 9.03 -10.78
C THR B 393 -9.52 9.19 -9.72
N GLY B 394 -8.72 8.17 -9.45
CA GLY B 394 -7.65 8.32 -8.47
C GLY B 394 -6.55 9.23 -8.99
N ILE B 395 -5.92 9.97 -8.07
CA ILE B 395 -4.86 10.90 -8.46
C ILE B 395 -3.76 10.91 -7.41
N ALA B 396 -2.56 11.30 -7.87
CA ALA B 396 -1.39 11.51 -7.01
C ALA B 396 -0.71 12.82 -7.39
N LYS B 397 -0.71 13.78 -6.47
CA LYS B 397 -0.10 15.08 -6.66
C LYS B 397 1.28 15.09 -6.00
N LEU B 398 2.32 15.30 -6.80
CA LEU B 398 3.70 15.36 -6.29
C LEU B 398 4.27 16.74 -6.52
N ILE B 399 4.89 17.30 -5.48
CA ILE B 399 5.44 18.65 -5.50
C ILE B 399 6.95 18.55 -5.28
N GLY B 400 7.71 19.25 -6.11
CA GLY B 400 9.16 19.22 -6.01
C GLY B 400 9.79 20.52 -6.45
N GLU B 401 10.89 20.87 -5.79
CA GLU B 401 11.66 22.05 -6.16
C GLU B 401 12.55 21.77 -7.37
N ARG B 402 12.62 22.73 -8.28
CA ARG B 402 13.40 22.57 -9.49
C ARG B 402 14.90 22.67 -9.19
N GLY B 403 15.71 22.53 -10.23
CA GLY B 403 17.15 22.62 -10.09
C GLY B 403 17.79 21.35 -9.55
N THR B 404 17.48 21.01 -8.30
CA THR B 404 18.06 19.84 -7.66
C THR B 404 17.18 18.60 -7.79
N GLY B 405 15.86 18.77 -7.83
CA GLY B 405 14.98 17.61 -7.83
C GLY B 405 14.64 17.25 -6.41
N LYS B 406 14.07 18.21 -5.68
CA LYS B 406 13.82 18.05 -4.25
C LYS B 406 12.40 17.52 -4.07
N LEU B 407 11.63 18.10 -3.13
CA LEU B 407 10.30 17.61 -2.80
C LEU B 407 9.60 18.51 -1.78
N LEU B 408 8.31 18.76 -1.97
CA LEU B 408 7.55 19.65 -1.09
C LEU B 408 6.12 19.14 -0.96
N GLY B 409 5.93 17.90 -0.51
CA GLY B 409 4.59 17.46 -0.18
C GLY B 409 3.86 16.61 -1.20
N ALA B 410 3.47 15.40 -0.83
CA ALA B 410 2.68 14.53 -1.70
C ALA B 410 1.24 14.47 -1.20
N HIS B 411 0.31 14.29 -2.14
CA HIS B 411 -1.12 14.26 -1.84
C HIS B 411 -1.79 13.23 -2.74
N ILE B 412 -2.21 12.10 -2.18
CA ILE B 412 -2.72 10.99 -2.98
C ILE B 412 -4.14 10.68 -2.55
N LEU B 413 -5.06 10.57 -3.52
CA LEU B 413 -6.39 10.03 -3.23
C LEU B 413 -6.67 8.86 -4.17
N GLY B 414 -7.45 7.92 -3.66
CA GLY B 414 -7.73 6.70 -4.38
C GLY B 414 -7.95 5.53 -3.44
N HIS B 415 -8.03 4.35 -4.05
CA HIS B 415 -8.24 3.11 -3.30
C HIS B 415 -7.18 2.91 -2.24
N GLN B 416 -5.92 3.12 -2.58
CA GLN B 416 -4.79 2.91 -1.67
C GLN B 416 -3.99 4.20 -1.62
N ALA B 417 -4.36 5.09 -0.69
CA ALA B 417 -3.64 6.34 -0.50
C ALA B 417 -2.74 6.34 0.72
N SER B 418 -3.18 5.72 1.82
CA SER B 418 -2.38 5.74 3.04
C SER B 418 -1.14 4.85 2.90
N SER B 419 -1.29 3.65 2.34
CA SER B 419 -0.16 2.74 2.20
C SER B 419 0.66 2.98 0.95
N ILE B 420 0.52 4.14 0.31
CA ILE B 420 1.29 4.47 -0.89
C ILE B 420 2.03 5.78 -0.66
N ILE B 421 1.46 6.64 0.19
CA ILE B 421 2.18 7.84 0.59
C ILE B 421 3.35 7.52 1.49
N GLN B 422 3.36 6.32 2.10
CA GLN B 422 4.39 5.96 3.07
C GLN B 422 5.77 5.85 2.43
N PRO B 423 5.92 5.25 1.24
CA PRO B 423 7.20 5.41 0.54
C PRO B 423 7.57 6.86 0.32
N LEU B 424 6.59 7.70 -0.04
CA LEU B 424 6.85 9.12 -0.22
C LEU B 424 7.16 9.80 1.12
N ILE B 425 6.54 9.35 2.21
CA ILE B 425 6.88 9.89 3.53
C ILE B 425 8.33 9.58 3.86
N GLN B 426 8.75 8.32 3.65
CA GLN B 426 10.14 7.94 3.90
C GLN B 426 11.08 8.75 3.02
N ALA B 427 10.74 8.93 1.75
CA ALA B 427 11.56 9.76 0.87
C ALA B 427 11.63 11.19 1.38
N MET B 428 10.53 11.70 1.95
CA MET B 428 10.51 13.05 2.47
C MET B 428 11.48 13.19 3.63
N SER B 429 11.40 12.27 4.60
CA SER B 429 12.05 12.49 5.89
C SER B 429 13.55 12.62 5.75
N LEU B 430 14.17 11.75 4.96
CA LEU B 430 15.63 11.71 4.81
C LEU B 430 15.94 12.04 3.35
N GLY B 431 16.45 13.25 3.13
CA GLY B 431 16.91 13.74 1.84
C GLY B 431 17.16 12.75 0.72
N GLN B 432 16.10 12.11 0.24
CA GLN B 432 16.16 11.42 -1.04
C GLN B 432 15.64 12.37 -2.12
N THR B 433 16.32 12.38 -3.26
CA THR B 433 15.94 13.22 -4.38
C THR B 433 15.07 12.44 -5.34
N ALA B 434 14.18 13.17 -6.04
CA ALA B 434 13.26 12.55 -7.00
C ALA B 434 13.99 11.58 -7.93
N GLN B 435 15.10 12.03 -8.51
CA GLN B 435 15.85 11.17 -9.43
C GLN B 435 16.26 9.87 -8.77
N GLU B 436 16.89 9.95 -7.60
CA GLU B 436 17.29 8.76 -6.85
C GLU B 436 16.11 7.81 -6.62
N ILE B 437 15.00 8.34 -6.10
CA ILE B 437 13.86 7.49 -5.75
C ILE B 437 13.28 6.81 -6.99
N ALA B 438 13.24 7.53 -8.12
CA ALA B 438 12.56 7.02 -9.30
C ALA B 438 13.16 5.71 -9.80
N ARG B 439 14.32 5.77 -10.46
CA ARG B 439 14.91 4.60 -11.08
C ARG B 439 16.20 4.15 -10.39
N GLY B 440 16.38 4.50 -9.12
CA GLY B 440 17.47 3.97 -8.34
C GLY B 440 17.09 2.73 -7.56
N GLN B 441 15.81 2.34 -7.63
CA GLN B 441 15.30 1.14 -6.97
C GLN B 441 14.29 0.47 -7.90
N TYR B 442 14.05 -0.81 -7.64
CA TYR B 442 13.05 -1.55 -8.41
C TYR B 442 11.65 -1.31 -7.86
N TRP B 443 10.69 -1.19 -8.78
CA TRP B 443 9.27 -1.12 -8.44
C TRP B 443 8.50 -2.24 -9.10
N ILE B 444 7.76 -3.01 -8.29
CA ILE B 444 7.20 -4.28 -8.74
C ILE B 444 6.31 -4.05 -9.95
N HIS B 445 6.49 -4.87 -10.99
CA HIS B 445 5.69 -4.76 -12.20
C HIS B 445 5.09 -6.13 -12.50
N PRO B 446 3.77 -6.25 -12.62
CA PRO B 446 2.76 -5.21 -12.48
C PRO B 446 2.28 -5.10 -11.03
N ALA B 447 2.23 -3.90 -10.48
CA ALA B 447 1.80 -3.73 -9.10
C ALA B 447 1.34 -2.30 -8.89
N LEU B 448 0.54 -2.12 -7.85
CA LEU B 448 0.01 -0.80 -7.47
C LEU B 448 1.08 0.27 -7.31
N PRO B 449 2.19 0.05 -6.58
CA PRO B 449 3.14 1.15 -6.37
C PRO B 449 3.74 1.71 -7.64
N GLU B 450 3.49 1.07 -8.79
CA GLU B 450 3.92 1.65 -10.06
C GLU B 450 3.38 3.06 -10.24
N VAL B 451 2.29 3.40 -9.55
CA VAL B 451 1.75 4.76 -9.61
C VAL B 451 2.84 5.78 -9.24
N ILE B 452 3.63 5.49 -8.21
CA ILE B 452 4.69 6.41 -7.83
C ILE B 452 5.68 6.58 -8.98
N GLU B 453 5.97 5.49 -9.71
CA GLU B 453 6.91 5.47 -10.82
C GLU B 453 6.73 6.63 -11.78
N ASN B 454 5.66 6.62 -12.58
CA ASN B 454 5.44 7.71 -13.52
C ASN B 454 5.12 9.02 -12.82
N ALA B 455 4.86 8.99 -11.52
CA ALA B 455 4.73 10.23 -10.76
C ALA B 455 6.09 10.89 -10.59
N LEU B 456 7.13 10.10 -10.37
CA LEU B 456 8.48 10.65 -10.24
C LEU B 456 9.17 10.76 -11.59
N LEU B 457 9.01 9.74 -12.43
CA LEU B 457 9.65 9.73 -13.75
C LEU B 457 9.29 10.97 -14.56
N GLY B 458 7.99 11.22 -14.72
CA GLY B 458 7.52 12.30 -15.56
C GLY B 458 7.76 13.67 -14.95
N LEU B 459 9.01 13.96 -14.62
CA LEU B 459 9.40 15.21 -14.00
C LEU B 459 10.48 15.88 -14.85
N GLN B 460 10.84 17.10 -14.44
CA GLN B 460 11.95 17.83 -15.05
C GLN B 460 13.18 16.93 -15.20
N GLU B 461 13.38 16.02 -14.26
CA GLU B 461 14.49 15.09 -14.31
C GLU B 461 13.98 13.64 -14.32
#